data_5OKC
#
_entry.id   5OKC
#
_cell.length_a   58.515
_cell.length_b   164.184
_cell.length_c   59.613
_cell.angle_alpha   90.000
_cell.angle_beta   90.500
_cell.angle_gamma   90.000
#
_symmetry.space_group_name_H-M   'P 1 21 1'
#
loop_
_entity.id
_entity.type
_entity.pdbx_description
1 polymer 'Sister chromatid cohesion protein DCC1'
2 polymer 'Chromosome transmission fidelity protein 8'
3 polymer 'Chromosome transmission fidelity protein 18'
4 non-polymer 'NITRATE ION'
5 non-polymer 1,2-ETHANEDIOL
6 water water
#
loop_
_entity_poly.entity_id
_entity_poly.type
_entity_poly.pdbx_seq_one_letter_code
_entity_poly.pdbx_strand_id
1 'polypeptide(L)'
;(MSE)SINLHSAPEYDPSYKLIQLTPELLDIIQDPVQNHQLRFKSLDKDKSEVVLCSHDKTWVLKQRKHSNTVLL(MSE)
REFVPEQPITFDETLLFGLSKPY(MSE)DVVGFAKTESEFETRETHGELNLNSVPIYNGELDFSDKI(MSE)KRSSTKVI
GTLEELLENSPCSALEGISKWHKIGGSVKDGVLCILSQDFLFKALHVLL(MSE)SA(MSE)AESLDLQHLNVEDTHHAVG
KDIEDEFNPYTREIIETVLNKFAVQEQEAENNTWRLRIPFIAQWYGIQALRKYVSGIS(MSE)PIDEFLIKWKSLFPPFF
PCDIDID(MSE)LRGYHFKPTDKTVQYIAKSTLP(MSE)DPKERFKVLFRLQSQWDLEDIKPLIEELNSRG(MSE)KIDS
FI(MSE)KYARRKRLGKKTVVTSR
;
A,B
2 'polypeptide(L)'
;(MSE)PSVDIDASQWQKLTQSREKQTTVITPLG(MSE)(MSE)(MSE)LEIQGELELPKDFASLARRDSPNEGRFSEQDG
ETLIRFGSLQIDGERATLFVGKKQRLLGKVTKLDVP(MSE)GI(MSE)HFNSKDNKVELVDV(MSE)KYKVIFKDRPLPI
(MSE)
;
F,H
3 'polypeptide(L)' TVKIWVKYNEGFSNAVRKNVTWNNLWE G,I
#
# COMPACT_ATOMS: atom_id res chain seq x y z
N SER A 2 -33.06 -50.08 48.18
CA SER A 2 -32.98 -48.73 47.62
C SER A 2 -31.80 -47.96 48.18
N ILE A 3 -31.50 -46.82 47.55
CA ILE A 3 -30.42 -45.97 48.02
C ILE A 3 -30.96 -44.62 48.48
N ASN A 4 -30.64 -44.25 49.72
CA ASN A 4 -31.02 -42.94 50.23
C ASN A 4 -30.17 -41.84 49.61
N LEU A 5 -30.82 -40.83 49.05
CA LEU A 5 -30.11 -39.71 48.43
C LEU A 5 -30.11 -38.50 49.35
N HIS A 6 -28.91 -38.04 49.71
CA HIS A 6 -28.77 -36.86 50.56
C HIS A 6 -28.08 -35.73 49.81
N SER A 7 -28.32 -34.51 50.27
CA SER A 7 -27.71 -33.34 49.65
C SER A 7 -27.21 -32.35 50.69
N ALA A 8 -26.02 -31.81 50.46
CA ALA A 8 -25.46 -30.77 51.31
C ALA A 8 -26.08 -29.42 50.93
N PRO A 9 -26.12 -28.48 51.87
CA PRO A 9 -26.67 -27.16 51.56
C PRO A 9 -25.73 -26.35 50.67
N GLU A 10 -24.48 -26.78 50.61
CA GLU A 10 -23.44 -26.07 49.87
C GLU A 10 -22.47 -27.03 49.20
N TYR A 11 -22.33 -26.91 47.88
CA TYR A 11 -21.43 -27.76 47.13
C TYR A 11 -20.06 -27.11 46.95
N ASP A 12 -19.03 -27.95 46.81
CA ASP A 12 -17.68 -27.48 46.55
C ASP A 12 -17.45 -27.39 45.04
N PRO A 13 -17.22 -26.17 44.53
CA PRO A 13 -17.03 -25.99 43.09
C PRO A 13 -15.64 -26.41 42.61
N SER A 14 -14.78 -26.83 43.53
CA SER A 14 -13.45 -27.30 43.18
C SER A 14 -13.49 -28.61 42.39
N TYR A 15 -14.54 -29.39 42.61
CA TYR A 15 -14.73 -30.65 41.90
C TYR A 15 -15.24 -30.38 40.48
N LYS A 16 -14.49 -30.86 39.49
CA LYS A 16 -14.86 -30.63 38.10
C LYS A 16 -14.75 -31.89 37.27
N LEU A 17 -15.57 -31.97 36.22
CA LEU A 17 -15.58 -33.14 35.35
C LEU A 17 -14.71 -32.92 34.12
N ILE A 18 -13.78 -33.84 33.89
CA ILE A 18 -12.89 -33.76 32.74
C ILE A 18 -13.06 -34.98 31.85
N GLN A 19 -13.28 -34.76 30.55
CA GLN A 19 -13.40 -35.86 29.61
C GLN A 19 -12.07 -36.60 29.51
N LEU A 20 -12.14 -37.93 29.61
CA LEU A 20 -10.95 -38.76 29.53
C LEU A 20 -10.97 -39.62 28.27
N THR A 21 -10.19 -39.22 27.28
CA THR A 21 -9.99 -40.02 26.08
C THR A 21 -9.33 -41.34 26.49
N PRO A 22 -9.48 -42.39 25.67
CA PRO A 22 -8.87 -43.69 25.95
C PRO A 22 -7.38 -43.60 26.32
N GLU A 23 -6.63 -42.77 25.59
CA GLU A 23 -5.22 -42.61 25.87
C GLU A 23 -5.00 -41.88 27.19
N LEU A 24 -5.78 -40.83 27.42
CA LEU A 24 -5.72 -40.09 28.68
C LEU A 24 -6.07 -41.00 29.85
N LEU A 25 -7.07 -41.87 29.65
CA LEU A 25 -7.49 -42.82 30.66
C LEU A 25 -6.38 -43.81 30.95
N ASP A 26 -5.75 -44.31 29.90
CA ASP A 26 -4.62 -45.24 30.03
C ASP A 26 -3.48 -44.61 30.83
N ILE A 27 -3.17 -43.35 30.52
CA ILE A 27 -2.11 -42.63 31.22
C ILE A 27 -2.45 -42.44 32.70
N ILE A 28 -3.66 -41.95 32.97
CA ILE A 28 -4.12 -41.72 34.33
C ILE A 28 -4.17 -43.03 35.12
N GLN A 29 -4.65 -44.10 34.47
CA GLN A 29 -4.74 -45.40 35.12
C GLN A 29 -3.45 -46.21 34.96
N ASP A 30 -2.31 -45.53 35.07
CA ASP A 30 -1.02 -46.20 35.00
C ASP A 30 -0.26 -46.02 36.32
N PRO A 31 -0.26 -47.08 37.15
CA PRO A 31 0.39 -47.06 38.47
C PRO A 31 1.91 -46.98 38.38
N VAL A 32 2.46 -47.24 37.19
CA VAL A 32 3.90 -47.24 36.99
C VAL A 32 4.50 -45.87 37.29
N GLN A 33 3.85 -44.82 36.81
CA GLN A 33 4.34 -43.46 37.02
C GLN A 33 3.21 -42.50 37.41
N ASN A 34 3.53 -41.55 38.27
CA ASN A 34 2.59 -40.52 38.67
C ASN A 34 2.99 -39.18 38.04
N HIS A 35 2.06 -38.23 38.05
CA HIS A 35 2.30 -36.88 37.52
C HIS A 35 2.72 -36.91 36.05
N GLN A 36 2.12 -37.81 35.28
CA GLN A 36 2.43 -37.91 33.86
C GLN A 36 1.68 -36.88 33.03
N LEU A 37 0.58 -36.36 33.58
CA LEU A 37 -0.20 -35.34 32.90
C LEU A 37 -0.05 -34.01 33.61
N ARG A 38 -0.11 -32.92 32.83
CA ARG A 38 0.18 -31.60 33.38
C ARG A 38 -0.66 -30.52 32.71
N PHE A 39 -1.28 -29.66 33.52
CA PHE A 39 -1.97 -28.49 32.97
C PHE A 39 -0.97 -27.36 32.75
N LYS A 40 -0.99 -26.76 31.56
CA LYS A 40 -0.06 -25.70 31.22
C LYS A 40 -0.77 -24.49 30.63
N SER A 41 -0.29 -23.30 30.96
CA SER A 41 -0.82 -22.06 30.41
C SER A 41 0.24 -20.96 30.44
N LEU A 42 0.15 -20.05 29.48
CA LEU A 42 1.11 -18.94 29.41
C LEU A 42 0.88 -17.96 30.55
N ASP A 43 -0.40 -17.73 30.86
CA ASP A 43 -0.78 -16.83 31.95
C ASP A 43 -2.05 -17.35 32.63
N LYS A 44 -2.53 -16.62 33.63
CA LYS A 44 -3.66 -17.09 34.41
C LYS A 44 -5.03 -16.58 33.94
N ASP A 45 -5.05 -15.41 33.32
CA ASP A 45 -6.32 -14.75 33.05
C ASP A 45 -6.76 -14.73 31.58
N LYS A 46 -5.81 -14.92 30.67
CA LYS A 46 -6.11 -14.74 29.25
C LYS A 46 -5.91 -16.00 28.41
N SER A 47 -4.73 -16.59 28.52
CA SER A 47 -4.33 -17.67 27.61
C SER A 47 -5.05 -18.99 27.88
N GLU A 48 -5.07 -19.85 26.87
CA GLU A 48 -5.69 -21.16 26.98
C GLU A 48 -4.89 -22.06 27.92
N VAL A 49 -5.57 -23.06 28.49
CA VAL A 49 -4.88 -24.08 29.26
C VAL A 49 -4.91 -25.38 28.48
N VAL A 50 -3.77 -26.05 28.39
CA VAL A 50 -3.68 -27.33 27.70
C VAL A 50 -3.29 -28.44 28.67
N LEU A 51 -3.59 -29.68 28.29
CA LEU A 51 -3.16 -30.83 29.07
C LEU A 51 -2.08 -31.58 28.31
N CYS A 52 -0.92 -31.76 28.93
CA CYS A 52 0.21 -32.34 28.25
C CYS A 52 0.80 -33.55 28.97
N SER A 53 1.07 -34.60 28.20
CA SER A 53 1.94 -35.68 28.65
C SER A 53 3.35 -35.32 28.22
N HIS A 54 4.23 -36.30 28.16
CA HIS A 54 5.62 -36.03 27.80
C HIS A 54 5.77 -35.84 26.29
N ASP A 55 4.76 -36.24 25.52
CA ASP A 55 4.88 -36.20 24.07
C ASP A 55 3.58 -35.86 23.33
N LYS A 56 2.53 -35.50 24.06
CA LYS A 56 1.27 -35.17 23.41
C LYS A 56 0.55 -34.01 24.08
N THR A 57 -0.35 -33.37 23.33
CA THR A 57 -1.06 -32.20 23.81
C THR A 57 -2.57 -32.28 23.52
N TRP A 58 -3.37 -31.92 24.53
CA TRP A 58 -4.80 -31.83 24.40
C TRP A 58 -5.27 -30.42 24.73
N VAL A 59 -6.27 -29.94 23.99
CA VAL A 59 -6.87 -28.65 24.28
C VAL A 59 -8.16 -28.86 25.07
N LEU A 60 -8.37 -28.00 26.06
CA LEU A 60 -9.54 -28.04 26.92
C LEU A 60 -10.64 -27.12 26.40
N LYS A 61 -11.88 -27.61 26.45
CA LYS A 61 -13.03 -26.80 26.11
C LYS A 61 -14.15 -27.01 27.12
N GLN A 62 -14.62 -25.93 27.75
CA GLN A 62 -15.71 -26.08 28.70
C GLN A 62 -17.05 -25.99 27.97
N ARG A 63 -17.97 -26.87 28.34
CA ARG A 63 -19.27 -26.92 27.71
C ARG A 63 -20.38 -27.03 28.76
N LYS A 64 -21.19 -25.97 28.85
CA LYS A 64 -22.31 -25.91 29.79
C LYS A 64 -23.50 -26.71 29.30
N HIS A 65 -24.26 -27.27 30.23
CA HIS A 65 -25.47 -28.01 29.91
C HIS A 65 -26.62 -27.54 30.81
N SER A 66 -27.85 -27.90 30.41
CA SER A 66 -29.04 -27.40 31.10
C SER A 66 -29.60 -28.40 32.12
N ASN A 67 -28.89 -29.48 32.36
CA ASN A 67 -29.36 -30.51 33.28
C ASN A 67 -28.79 -30.38 34.69
N THR A 68 -29.41 -31.09 35.63
CA THR A 68 -28.89 -31.19 36.98
C THR A 68 -27.97 -32.40 37.09
N VAL A 69 -26.68 -32.15 37.30
CA VAL A 69 -25.72 -33.24 37.47
C VAL A 69 -25.12 -33.20 38.87
N LEU A 70 -25.40 -34.27 39.63
CA LEU A 70 -24.92 -34.37 41.01
C LEU A 70 -23.85 -35.45 41.14
N LEU A 71 -22.68 -35.05 41.61
CA LEU A 71 -21.62 -35.97 41.97
C LEU A 71 -21.82 -36.35 43.44
N ARG A 73 -21.22 -39.27 46.76
CA ARG A 73 -20.37 -40.30 47.36
C ARG A 73 -21.08 -41.01 48.51
N GLU A 74 -20.73 -42.27 48.73
CA GLU A 74 -21.25 -43.03 49.84
C GLU A 74 -20.70 -42.49 51.16
N PHE A 75 -21.53 -42.45 52.19
CA PHE A 75 -21.07 -42.03 53.50
C PHE A 75 -21.68 -42.91 54.59
N VAL A 76 -21.02 -42.98 55.73
CA VAL A 76 -21.51 -43.73 56.87
C VAL A 76 -22.20 -42.80 57.85
N PRO A 77 -23.53 -42.88 57.93
CA PRO A 77 -24.31 -42.01 58.81
C PRO A 77 -23.89 -42.16 60.26
N GLU A 78 -23.66 -41.04 60.94
CA GLU A 78 -23.30 -41.06 62.35
C GLU A 78 -24.42 -41.70 63.17
N GLN A 79 -25.65 -41.43 62.77
CA GLN A 79 -26.82 -42.06 63.36
C GLN A 79 -27.62 -42.75 62.26
N PRO A 80 -28.26 -43.88 62.58
CA PRO A 80 -29.07 -44.60 61.59
C PRO A 80 -30.13 -43.70 60.96
N ILE A 81 -30.21 -43.71 59.64
CA ILE A 81 -31.18 -42.88 58.93
C ILE A 81 -32.57 -43.51 58.99
N THR A 82 -33.41 -42.96 59.86
CA THR A 82 -34.74 -43.52 60.08
C THR A 82 -35.85 -42.55 59.66
N PHE A 83 -36.83 -43.09 58.94
CA PHE A 83 -37.99 -42.32 58.52
C PHE A 83 -39.19 -43.24 58.32
N ASP A 84 -40.38 -42.70 58.56
CA ASP A 84 -41.61 -43.46 58.41
C ASP A 84 -41.86 -43.86 56.95
N GLU A 85 -42.05 -45.15 56.74
CA GLU A 85 -42.31 -45.68 55.42
C GLU A 85 -43.78 -45.59 55.07
N THR A 86 -44.07 -45.00 53.91
CA THR A 86 -45.43 -44.82 53.45
C THR A 86 -45.72 -45.79 52.31
N LEU A 87 -46.75 -45.49 51.52
CA LEU A 87 -47.10 -46.33 50.38
C LEU A 87 -46.11 -46.18 49.22
N LEU A 88 -44.89 -46.66 49.41
CA LEU A 88 -43.87 -46.56 48.37
C LEU A 88 -43.66 -47.89 47.69
N PHE A 89 -44.03 -47.95 46.41
CA PHE A 89 -44.01 -49.19 45.64
C PHE A 89 -42.92 -49.12 44.59
N GLY A 90 -42.20 -50.22 44.41
CA GLY A 90 -41.07 -50.23 43.49
C GLY A 90 -39.86 -49.76 44.27
N LEU A 91 -40.01 -49.75 45.60
CA LEU A 91 -38.97 -49.27 46.50
C LEU A 91 -38.65 -50.30 47.56
N SER A 92 -37.44 -50.84 47.51
CA SER A 92 -36.97 -51.80 48.49
C SER A 92 -36.36 -51.06 49.68
N LYS A 93 -36.06 -51.81 50.74
CA LYS A 93 -35.49 -51.26 51.96
C LYS A 93 -34.18 -50.54 51.64
N PRO A 94 -33.96 -49.36 52.25
CA PRO A 94 -32.69 -48.65 52.06
C PRO A 94 -31.51 -49.41 52.64
N TYR A 95 -30.43 -49.54 51.87
CA TYR A 95 -29.26 -50.26 52.34
C TYR A 95 -28.00 -49.41 52.27
N ASP A 97 -26.47 -45.04 51.91
CA ASP A 97 -26.66 -43.60 51.85
C ASP A 97 -25.56 -42.92 51.05
N VAL A 98 -25.95 -42.09 50.10
CA VAL A 98 -24.98 -41.27 49.37
C VAL A 98 -25.33 -39.80 49.51
N VAL A 99 -24.30 -38.95 49.48
CA VAL A 99 -24.50 -37.51 49.56
C VAL A 99 -23.93 -36.80 48.34
N GLY A 100 -24.73 -35.94 47.73
CA GLY A 100 -24.25 -35.14 46.62
C GLY A 100 -23.27 -34.12 47.14
N PHE A 101 -21.99 -34.29 46.77
CA PHE A 101 -20.96 -33.37 47.22
C PHE A 101 -20.63 -32.35 46.14
N ALA A 102 -21.08 -32.62 44.92
CA ALA A 102 -20.84 -31.64 43.85
C ALA A 102 -22.06 -31.49 42.92
N LYS A 103 -22.23 -30.30 42.38
CA LYS A 103 -23.27 -30.05 41.38
C LYS A 103 -22.67 -29.34 40.17
N THR A 104 -22.47 -30.09 39.09
CA THR A 104 -21.81 -29.53 37.92
C THR A 104 -22.81 -29.11 36.85
N GLU A 105 -22.53 -27.97 36.21
CA GLU A 105 -23.38 -27.45 35.16
C GLU A 105 -22.65 -27.52 33.82
N SER A 106 -21.45 -28.06 33.84
CA SER A 106 -20.63 -28.12 32.64
C SER A 106 -19.62 -29.26 32.67
N GLU A 107 -19.08 -29.58 31.50
CA GLU A 107 -18.01 -30.57 31.41
C GLU A 107 -16.79 -29.96 30.77
N PHE A 108 -15.63 -30.51 31.08
CA PHE A 108 -14.40 -30.07 30.43
C PHE A 108 -13.95 -31.13 29.44
N GLU A 109 -14.20 -30.86 28.16
CA GLU A 109 -13.86 -31.76 27.09
C GLU A 109 -12.38 -31.63 26.70
N THR A 110 -11.76 -32.75 26.39
CA THR A 110 -10.36 -32.76 25.98
C THR A 110 -10.26 -33.23 24.54
N ARG A 111 -9.66 -32.41 23.68
CA ARG A 111 -9.49 -32.77 22.28
C ARG A 111 -8.02 -32.80 21.90
N GLU A 112 -7.56 -33.91 21.32
CA GLU A 112 -6.18 -34.00 20.86
C GLU A 112 -5.87 -32.86 19.91
N THR A 113 -4.73 -32.21 20.13
CA THR A 113 -4.38 -31.03 19.36
C THR A 113 -2.89 -30.98 19.06
N HIS A 114 -2.51 -30.22 18.05
CA HIS A 114 -1.11 -30.10 17.66
C HIS A 114 -0.39 -29.18 18.63
N GLY A 115 0.59 -29.73 19.34
CA GLY A 115 1.39 -28.94 20.25
C GLY A 115 2.19 -27.94 19.44
N GLU A 116 2.25 -26.70 19.92
CA GLU A 116 2.95 -25.65 19.20
C GLU A 116 3.84 -24.81 20.11
N LEU A 117 4.90 -24.26 19.53
CA LEU A 117 5.82 -23.40 20.27
C LEU A 117 5.32 -21.97 20.31
N ASN A 118 5.54 -21.31 21.45
CA ASN A 118 5.21 -19.89 21.58
C ASN A 118 6.40 -19.06 21.12
N LEU A 119 6.35 -18.62 19.87
CA LEU A 119 7.48 -17.92 19.28
C LEU A 119 7.28 -16.41 19.26
N ASN A 120 6.69 -15.89 20.33
CA ASN A 120 6.39 -14.47 20.44
C ASN A 120 7.65 -13.60 20.45
N SER A 121 8.50 -13.81 21.45
CA SER A 121 9.64 -12.90 21.67
C SER A 121 10.98 -13.38 21.09
N VAL A 122 10.96 -14.48 20.34
CA VAL A 122 12.18 -15.01 19.75
C VAL A 122 12.45 -14.41 18.36
N PRO A 123 13.56 -13.67 18.22
CA PRO A 123 13.94 -12.97 16.99
C PRO A 123 14.54 -13.88 15.92
N ILE A 124 14.72 -13.33 14.72
CA ILE A 124 15.31 -14.05 13.60
C ILE A 124 16.78 -13.67 13.42
N TYR A 125 17.64 -14.68 13.34
CA TYR A 125 19.07 -14.47 13.16
C TYR A 125 19.48 -14.75 11.71
N ASN A 126 20.15 -13.79 11.09
CA ASN A 126 20.55 -13.90 9.69
C ASN A 126 22.06 -13.98 9.55
N GLY A 127 22.74 -14.10 10.68
CA GLY A 127 24.19 -14.23 10.68
C GLY A 127 24.92 -12.91 10.79
N GLU A 128 24.24 -11.89 11.30
CA GLU A 128 24.86 -10.58 11.48
C GLU A 128 25.94 -10.68 12.55
N LEU A 129 26.91 -9.78 12.50
CA LEU A 129 27.97 -9.77 13.50
C LEU A 129 27.63 -8.86 14.67
N ASP A 130 26.67 -7.96 14.46
CA ASP A 130 26.17 -7.12 15.54
C ASP A 130 24.77 -7.50 16.01
N PHE A 131 24.47 -8.80 16.00
CA PHE A 131 23.13 -9.26 16.35
C PHE A 131 22.78 -8.98 17.81
N SER A 132 23.79 -9.05 18.67
CA SER A 132 23.58 -8.82 20.10
C SER A 132 23.14 -7.39 20.37
N ASP A 133 23.77 -6.46 19.65
CA ASP A 133 23.47 -5.04 19.78
C ASP A 133 22.06 -4.69 19.29
N LYS A 134 21.68 -5.26 18.14
CA LYS A 134 20.38 -4.96 17.55
C LYS A 134 19.23 -5.44 18.42
N ILE A 135 19.41 -6.62 19.02
CA ILE A 135 18.41 -7.16 19.94
C ILE A 135 18.34 -6.35 21.23
N LYS A 137 18.89 -3.31 21.51
CA LYS A 137 18.27 -2.03 21.19
C LYS A 137 16.86 -2.23 20.66
N ARG A 138 16.13 -3.18 21.26
CA ARG A 138 14.75 -3.43 20.87
C ARG A 138 13.77 -2.85 21.87
N SER A 139 12.51 -2.72 21.46
CA SER A 139 11.45 -2.20 22.33
C SER A 139 11.17 -3.14 23.50
N SER A 140 11.18 -4.43 23.24
CA SER A 140 10.92 -5.42 24.28
C SER A 140 12.22 -5.98 24.83
N THR A 141 12.56 -5.55 26.05
CA THR A 141 13.81 -5.97 26.68
C THR A 141 13.80 -7.45 27.06
N LYS A 142 12.65 -7.95 27.51
CA LYS A 142 12.56 -9.35 27.92
C LYS A 142 12.85 -10.32 26.77
N VAL A 143 13.88 -11.15 26.97
CA VAL A 143 14.28 -12.12 25.97
C VAL A 143 14.26 -13.53 26.55
N ILE A 144 13.76 -14.49 25.77
CA ILE A 144 13.78 -15.88 26.21
C ILE A 144 15.23 -16.37 26.30
N GLY A 145 15.70 -16.61 27.51
CA GLY A 145 17.06 -17.06 27.73
C GLY A 145 17.36 -18.47 27.27
N THR A 146 16.56 -19.42 27.71
CA THR A 146 16.83 -20.84 27.45
C THR A 146 15.65 -21.56 26.80
N LEU A 147 15.93 -22.72 26.23
CA LEU A 147 14.91 -23.51 25.54
C LEU A 147 13.91 -24.07 26.54
N GLU A 148 14.38 -24.37 27.75
CA GLU A 148 13.52 -24.90 28.80
C GLU A 148 12.42 -23.88 29.14
N GLU A 149 12.80 -22.62 29.16
CA GLU A 149 11.85 -21.53 29.41
C GLU A 149 10.85 -21.43 28.27
N LEU A 150 11.33 -21.59 27.04
CA LEU A 150 10.47 -21.55 25.86
C LEU A 150 9.41 -22.66 25.90
N LEU A 151 9.87 -23.89 26.15
CA LEU A 151 8.97 -25.04 26.23
C LEU A 151 8.00 -24.88 27.39
N GLU A 152 8.49 -24.33 28.49
CA GLU A 152 7.67 -24.12 29.68
C GLU A 152 6.52 -23.15 29.41
N ASN A 153 6.79 -22.12 28.61
CA ASN A 153 5.79 -21.11 28.29
C ASN A 153 5.15 -21.32 26.92
N SER A 154 5.13 -22.57 26.46
CA SER A 154 4.51 -22.90 25.18
C SER A 154 3.38 -23.91 25.37
N PRO A 155 2.34 -23.82 24.54
CA PRO A 155 1.23 -24.78 24.56
C PRO A 155 1.58 -26.07 23.82
N CYS A 156 2.51 -26.85 24.38
CA CYS A 156 2.93 -28.10 23.79
C CYS A 156 3.66 -28.98 24.79
N SER A 157 3.82 -30.25 24.45
CA SER A 157 4.60 -31.16 25.27
C SER A 157 6.09 -30.97 25.01
N ALA A 158 6.92 -31.54 25.88
CA ALA A 158 8.36 -31.42 25.77
C ALA A 158 8.87 -31.98 24.44
N LEU A 159 8.41 -33.18 24.09
CA LEU A 159 8.88 -33.85 22.88
C LEU A 159 8.43 -33.12 21.62
N GLU A 160 7.17 -32.72 21.59
CA GLU A 160 6.64 -31.93 20.49
C GLU A 160 7.43 -30.63 20.34
N GLY A 161 7.71 -29.99 21.48
CA GLY A 161 8.41 -28.73 21.50
C GLY A 161 9.81 -28.85 20.95
N ILE A 162 10.55 -29.86 21.41
CA ILE A 162 11.91 -30.09 20.94
C ILE A 162 11.93 -30.44 19.46
N SER A 163 10.98 -31.27 19.03
CA SER A 163 10.88 -31.66 17.63
C SER A 163 10.64 -30.45 16.73
N LYS A 164 9.70 -29.60 17.12
CA LYS A 164 9.39 -28.41 16.35
C LYS A 164 10.57 -27.43 16.35
N TRP A 165 11.23 -27.32 17.49
CA TRP A 165 12.39 -26.45 17.65
C TRP A 165 13.51 -26.86 16.71
N HIS A 166 13.71 -28.17 16.58
CA HIS A 166 14.71 -28.69 15.65
C HIS A 166 14.27 -28.52 14.20
N LYS A 167 12.96 -28.62 13.96
CA LYS A 167 12.44 -28.55 12.61
C LYS A 167 12.52 -27.14 12.01
N ILE A 168 12.36 -26.12 12.86
CA ILE A 168 12.31 -24.74 12.38
C ILE A 168 13.67 -24.06 12.44
N GLY A 169 14.70 -24.81 12.78
CA GLY A 169 16.04 -24.28 12.86
C GLY A 169 16.24 -23.32 14.01
N GLY A 170 15.73 -23.69 15.18
CA GLY A 170 15.90 -22.88 16.37
C GLY A 170 17.32 -22.95 16.91
N SER A 171 17.80 -21.84 17.44
CA SER A 171 19.17 -21.76 17.95
C SER A 171 19.26 -20.75 19.09
N VAL A 172 20.48 -20.39 19.46
CA VAL A 172 20.71 -19.38 20.48
C VAL A 172 22.03 -18.63 20.22
N LYS A 173 21.97 -17.32 20.27
CA LYS A 173 23.14 -16.48 20.04
C LYS A 173 23.33 -15.49 21.18
N ASP A 174 24.54 -15.46 21.74
CA ASP A 174 24.89 -14.53 22.82
C ASP A 174 23.90 -14.56 23.98
N GLY A 175 23.37 -15.74 24.26
CA GLY A 175 22.46 -15.93 25.37
C GLY A 175 21.00 -15.68 25.08
N VAL A 176 20.67 -15.28 23.85
CA VAL A 176 19.26 -15.09 23.50
C VAL A 176 18.83 -16.10 22.44
N LEU A 177 17.71 -16.77 22.71
CA LEU A 177 17.15 -17.73 21.77
C LEU A 177 16.76 -17.03 20.48
N CYS A 178 16.94 -17.72 19.36
CA CYS A 178 16.65 -17.13 18.05
C CYS A 178 16.23 -18.21 17.04
N ILE A 179 15.79 -17.76 15.87
CA ILE A 179 15.49 -18.68 14.79
C ILE A 179 16.30 -18.29 13.55
N LEU A 180 17.09 -19.23 13.04
CA LEU A 180 17.92 -18.95 11.88
C LEU A 180 17.07 -18.69 10.65
N SER A 181 17.42 -17.65 9.91
CA SER A 181 16.77 -17.37 8.64
C SER A 181 17.05 -18.50 7.65
N GLN A 182 16.23 -18.61 6.62
CA GLN A 182 16.44 -19.61 5.57
C GLN A 182 17.81 -19.41 4.94
N ASP A 183 18.14 -18.16 4.64
CA ASP A 183 19.43 -17.81 4.06
C ASP A 183 20.59 -18.30 4.92
N PHE A 184 20.58 -17.91 6.19
CA PHE A 184 21.68 -18.26 7.09
C PHE A 184 21.68 -19.75 7.40
N LEU A 185 20.50 -20.35 7.42
CA LEU A 185 20.39 -21.79 7.66
C LEU A 185 21.09 -22.55 6.54
N PHE A 186 20.80 -22.16 5.30
CA PHE A 186 21.35 -22.82 4.13
C PHE A 186 22.85 -22.52 3.98
N LYS A 187 23.24 -21.32 4.37
CA LYS A 187 24.66 -20.94 4.33
C LYS A 187 25.45 -21.74 5.35
N ALA A 188 24.90 -21.86 6.56
CA ALA A 188 25.55 -22.62 7.62
C ALA A 188 25.63 -24.10 7.27
N LEU A 189 24.58 -24.60 6.61
CA LEU A 189 24.60 -25.97 6.12
C LEU A 189 25.71 -26.16 5.10
N HIS A 190 25.80 -25.24 4.14
CA HIS A 190 26.82 -25.32 3.10
C HIS A 190 28.23 -25.30 3.68
N VAL A 191 28.47 -24.36 4.61
CA VAL A 191 29.76 -24.25 5.26
C VAL A 191 30.09 -25.51 6.05
N LEU A 192 29.08 -26.05 6.76
CA LEU A 192 29.26 -27.27 7.53
C LEU A 192 29.66 -28.45 6.63
N LEU A 193 28.93 -28.63 5.53
CA LEU A 193 29.22 -29.71 4.59
C LEU A 193 30.60 -29.55 3.99
N SER A 195 33.21 -27.96 5.24
CA SER A 195 34.20 -28.26 6.27
C SER A 195 34.26 -29.75 6.57
N ALA A 196 33.12 -30.42 6.51
CA ALA A 196 33.05 -31.84 6.80
C ALA A 196 33.85 -32.66 5.79
N ALA A 198 36.35 -31.42 3.95
CA ALA A 198 37.74 -31.00 4.04
C ALA A 198 38.50 -31.72 5.15
N GLU A 199 37.77 -32.17 6.15
CA GLU A 199 38.39 -32.88 7.27
C GLU A 199 38.07 -34.37 7.26
N SER A 200 37.41 -34.82 6.19
CA SER A 200 37.01 -36.22 6.05
C SER A 200 36.28 -36.74 7.27
N LEU A 201 35.26 -36.00 7.71
CA LEU A 201 34.46 -36.42 8.84
C LEU A 201 33.48 -37.52 8.44
N ASP A 202 33.16 -38.39 9.39
CA ASP A 202 32.15 -39.42 9.16
C ASP A 202 30.78 -38.77 9.06
N LEU A 203 30.23 -38.73 7.85
CA LEU A 203 28.94 -38.11 7.61
C LEU A 203 27.80 -38.88 8.28
N GLN A 204 28.07 -40.12 8.66
CA GLN A 204 27.08 -40.93 9.37
C GLN A 204 27.24 -40.80 10.89
N HIS A 205 28.35 -40.20 11.32
CA HIS A 205 28.60 -40.02 12.74
C HIS A 205 29.23 -38.67 13.05
N LEU A 206 28.48 -37.60 12.82
CA LEU A 206 28.95 -36.25 13.13
C LEU A 206 28.62 -35.86 14.56
N ASN A 207 29.55 -35.18 15.23
CA ASN A 207 29.29 -34.61 16.53
C ASN A 207 29.49 -33.10 16.50
N VAL A 208 29.04 -32.42 17.55
CA VAL A 208 29.10 -30.97 17.60
C VAL A 208 30.54 -30.47 17.65
N GLU A 209 31.34 -31.05 18.54
CA GLU A 209 32.71 -30.59 18.76
C GLU A 209 33.60 -30.73 17.52
N ASP A 210 33.63 -31.93 16.94
CA ASP A 210 34.47 -32.18 15.77
C ASP A 210 34.07 -31.32 14.58
N THR A 211 32.77 -31.16 14.38
CA THR A 211 32.25 -30.38 13.26
C THR A 211 32.54 -28.88 13.43
N HIS A 212 32.25 -28.37 14.63
CA HIS A 212 32.53 -26.98 14.96
C HIS A 212 34.01 -26.66 14.81
N HIS A 213 34.85 -27.57 15.32
CA HIS A 213 36.29 -27.40 15.23
C HIS A 213 36.72 -27.42 13.77
N ALA A 214 36.13 -28.31 12.99
CA ALA A 214 36.42 -28.40 11.57
C ALA A 214 36.05 -27.11 10.84
N VAL A 215 34.97 -26.47 11.30
CA VAL A 215 34.50 -25.26 10.66
C VAL A 215 35.34 -24.04 11.05
N GLY A 216 35.57 -23.87 12.35
CA GLY A 216 36.28 -22.71 12.85
C GLY A 216 37.75 -22.93 13.12
N LYS A 217 38.33 -23.93 12.45
CA LYS A 217 39.73 -24.27 12.66
C LYS A 217 40.66 -23.15 12.22
N ASP A 218 40.44 -22.67 10.99
CA ASP A 218 41.37 -21.73 10.37
C ASP A 218 40.75 -20.36 10.11
N ILE A 219 39.79 -19.98 10.94
CA ILE A 219 39.21 -18.65 10.85
C ILE A 219 39.18 -17.99 12.22
N GLU A 220 39.24 -16.66 12.24
CA GLU A 220 39.25 -15.91 13.50
C GLU A 220 37.93 -16.05 14.23
N ASP A 221 37.99 -16.13 15.55
CA ASP A 221 36.81 -16.27 16.39
C ASP A 221 35.86 -15.09 16.25
N GLU A 222 36.44 -13.90 16.10
CA GLU A 222 35.69 -12.66 15.99
C GLU A 222 34.84 -12.60 14.72
N PHE A 223 35.26 -13.30 13.68
CA PHE A 223 34.57 -13.28 12.41
C PHE A 223 33.85 -14.59 12.11
N ASN A 224 33.74 -15.43 13.14
CA ASN A 224 33.12 -16.74 12.98
C ASN A 224 31.77 -16.85 13.70
N PRO A 225 30.68 -16.79 12.94
CA PRO A 225 29.32 -16.88 13.49
C PRO A 225 28.87 -18.31 13.72
N TYR A 226 29.62 -19.27 13.17
CA TYR A 226 29.24 -20.67 13.28
C TYR A 226 29.74 -21.23 14.62
N THR A 227 29.02 -20.88 15.68
CA THR A 227 29.31 -21.38 17.01
C THR A 227 28.84 -22.81 17.16
N ARG A 228 29.06 -23.40 18.33
CA ARG A 228 28.67 -24.77 18.59
C ARG A 228 27.16 -24.96 18.53
N GLU A 229 26.44 -23.92 18.96
CA GLU A 229 24.98 -23.95 18.98
C GLU A 229 24.41 -23.87 17.56
N ILE A 230 25.06 -23.07 16.72
CA ILE A 230 24.67 -22.98 15.31
C ILE A 230 24.86 -24.33 14.63
N ILE A 231 26.02 -24.93 14.85
CA ILE A 231 26.34 -26.24 14.30
C ILE A 231 25.32 -27.28 14.77
N GLU A 232 25.02 -27.26 16.08
CA GLU A 232 24.08 -28.18 16.67
C GLU A 232 22.68 -28.02 16.06
N THR A 233 22.33 -26.77 15.76
CA THR A 233 21.05 -26.46 15.12
C THR A 233 21.00 -27.03 13.71
N VAL A 234 22.04 -26.76 12.92
CA VAL A 234 22.14 -27.28 11.56
C VAL A 234 22.05 -28.80 11.54
N LEU A 235 22.74 -29.44 12.50
CA LEU A 235 22.70 -30.89 12.63
C LEU A 235 21.30 -31.37 12.99
N ASN A 236 20.65 -30.66 13.90
CA ASN A 236 19.30 -31.03 14.34
C ASN A 236 18.27 -30.76 13.26
N LYS A 237 18.67 -30.04 12.22
CA LYS A 237 17.78 -29.74 11.10
C LYS A 237 17.96 -30.70 9.93
N PHE A 238 19.22 -30.99 9.60
CA PHE A 238 19.51 -31.77 8.40
C PHE A 238 20.08 -33.16 8.71
N ALA A 239 20.14 -33.51 9.99
CA ALA A 239 20.61 -34.83 10.38
C ALA A 239 19.73 -35.42 11.47
N VAL A 240 19.93 -36.70 11.75
CA VAL A 240 19.20 -37.37 12.83
C VAL A 240 20.17 -37.93 13.86
N GLN A 241 19.89 -37.65 15.13
CA GLN A 241 20.75 -38.05 16.22
C GLN A 241 20.34 -39.38 16.85
N GLU A 242 21.32 -40.17 17.25
CA GLU A 242 21.07 -41.45 17.91
C GLU A 242 20.47 -41.24 19.30
N GLN A 243 19.55 -42.13 19.67
CA GLN A 243 18.94 -42.08 21.00
C GLN A 243 19.43 -43.22 21.88
N ASN A 248 23.36 -39.73 20.71
CA ASN A 248 24.80 -39.55 20.82
C ASN A 248 25.36 -38.72 19.66
N THR A 249 25.32 -39.30 18.46
CA THR A 249 25.89 -38.63 17.28
C THR A 249 24.86 -38.48 16.17
N TRP A 250 25.17 -37.61 15.20
CA TRP A 250 24.27 -37.33 14.10
C TRP A 250 24.65 -38.04 12.81
N ARG A 251 23.65 -38.43 12.03
CA ARG A 251 23.88 -38.89 10.67
C ARG A 251 23.10 -38.02 9.69
N LEU A 252 23.77 -37.56 8.64
CA LEU A 252 23.18 -36.63 7.69
C LEU A 252 22.00 -37.24 6.93
N ARG A 253 20.95 -36.44 6.76
CA ARG A 253 19.83 -36.82 5.90
C ARG A 253 20.15 -36.38 4.48
N ILE A 254 21.00 -37.16 3.81
CA ILE A 254 21.54 -36.79 2.49
C ILE A 254 20.47 -36.53 1.42
N PRO A 255 19.48 -37.43 1.27
CA PRO A 255 18.48 -37.13 0.24
C PRO A 255 17.70 -35.84 0.53
N PHE A 256 17.51 -35.55 1.81
CA PHE A 256 16.79 -34.36 2.24
C PHE A 256 17.60 -33.10 1.90
N ILE A 257 18.89 -33.16 2.17
CA ILE A 257 19.81 -32.06 1.84
C ILE A 257 19.83 -31.83 0.33
N ALA A 258 19.99 -32.91 -0.42
CA ALA A 258 19.98 -32.86 -1.87
C ALA A 258 18.70 -32.24 -2.39
N GLN A 259 17.59 -32.58 -1.74
CA GLN A 259 16.28 -32.02 -2.09
C GLN A 259 16.25 -30.52 -1.84
N TRP A 260 16.83 -30.10 -0.72
CA TRP A 260 16.88 -28.69 -0.36
C TRP A 260 17.66 -27.90 -1.43
N TYR A 261 18.86 -28.38 -1.74
CA TYR A 261 19.68 -27.79 -2.79
C TYR A 261 18.95 -27.79 -4.13
N GLY A 262 18.17 -28.82 -4.38
CA GLY A 262 17.41 -28.93 -5.62
C GLY A 262 16.29 -27.90 -5.71
N ILE A 263 15.64 -27.62 -4.59
CA ILE A 263 14.60 -26.62 -4.55
C ILE A 263 15.21 -25.25 -4.79
N GLN A 264 16.33 -24.99 -4.13
CA GLN A 264 17.06 -23.75 -4.35
C GLN A 264 17.45 -23.60 -5.83
N ALA A 265 17.90 -24.70 -6.41
CA ALA A 265 18.29 -24.73 -7.82
C ALA A 265 17.12 -24.41 -8.73
N LEU A 266 15.96 -25.01 -8.44
CA LEU A 266 14.75 -24.74 -9.18
C LEU A 266 14.42 -23.25 -9.14
N ARG A 267 14.50 -22.68 -7.94
CA ARG A 267 14.17 -21.27 -7.77
C ARG A 267 15.17 -20.36 -8.46
N LYS A 268 16.40 -20.83 -8.60
CA LYS A 268 17.47 -20.01 -9.20
C LYS A 268 17.51 -20.05 -10.72
N TYR A 269 17.34 -21.23 -11.30
CA TYR A 269 17.64 -21.42 -12.72
C TYR A 269 16.41 -21.56 -13.62
N VAL A 270 15.33 -22.13 -13.10
CA VAL A 270 14.15 -22.38 -13.93
C VAL A 270 12.90 -21.72 -13.38
N SER A 271 13.05 -20.50 -12.87
CA SER A 271 11.91 -19.72 -12.40
C SER A 271 11.38 -18.82 -13.51
N GLY A 272 10.26 -19.20 -14.10
CA GLY A 272 9.66 -18.44 -15.18
C GLY A 272 10.06 -18.94 -16.55
N ILE A 273 11.05 -19.83 -16.59
CA ILE A 273 11.55 -20.37 -17.84
C ILE A 273 11.87 -21.85 -17.68
N SER A 274 11.77 -22.61 -18.77
CA SER A 274 12.05 -24.04 -18.73
C SER A 274 13.49 -24.34 -19.15
N PRO A 276 16.13 -28.07 -20.27
CA PRO A 276 16.38 -29.52 -20.35
C PRO A 276 16.78 -30.09 -19.00
N ILE A 277 16.27 -31.27 -18.67
CA ILE A 277 16.47 -31.89 -17.37
C ILE A 277 17.95 -32.17 -17.09
N ASP A 278 18.69 -32.59 -18.10
CA ASP A 278 20.11 -32.90 -17.95
C ASP A 278 20.91 -31.68 -17.50
N GLU A 279 20.69 -30.54 -18.16
CA GLU A 279 21.41 -29.32 -17.84
C GLU A 279 21.08 -28.84 -16.42
N PHE A 280 19.80 -28.94 -16.06
CA PHE A 280 19.37 -28.58 -14.73
C PHE A 280 20.05 -29.48 -13.69
N LEU A 281 20.21 -30.75 -14.04
CA LEU A 281 20.92 -31.69 -13.18
C LEU A 281 22.38 -31.25 -13.02
N ILE A 282 22.95 -30.73 -14.11
CA ILE A 282 24.32 -30.24 -14.06
C ILE A 282 24.45 -29.06 -13.08
N LYS A 283 23.56 -28.09 -13.20
CA LYS A 283 23.59 -26.92 -12.33
C LYS A 283 23.33 -27.27 -10.88
N TRP A 284 22.29 -28.08 -10.67
CA TRP A 284 21.92 -28.60 -9.36
C TRP A 284 23.12 -29.27 -8.69
N LYS A 285 23.73 -30.21 -9.40
CA LYS A 285 24.92 -30.89 -8.89
C LYS A 285 26.04 -29.90 -8.60
N SER A 286 26.15 -28.87 -9.44
CA SER A 286 27.22 -27.88 -9.30
C SER A 286 27.02 -26.99 -8.07
N LEU A 287 25.79 -26.93 -7.57
CA LEU A 287 25.52 -26.15 -6.36
C LEU A 287 26.13 -26.78 -5.10
N PHE A 288 26.35 -28.09 -5.13
CA PHE A 288 26.88 -28.79 -3.98
C PHE A 288 28.35 -28.48 -3.72
N PRO A 289 28.78 -28.60 -2.46
CA PRO A 289 30.22 -28.58 -2.13
C PRO A 289 30.95 -29.74 -2.79
N PRO A 290 32.17 -29.52 -3.28
CA PRO A 290 32.97 -30.55 -3.94
C PRO A 290 33.07 -31.85 -3.14
N PHE A 291 32.98 -32.98 -3.83
CA PHE A 291 33.13 -34.31 -3.27
C PHE A 291 31.99 -34.73 -2.34
N PHE A 292 30.95 -33.89 -2.24
CA PHE A 292 29.79 -34.24 -1.44
C PHE A 292 29.02 -35.42 -2.04
N PRO A 293 28.93 -36.53 -1.29
CA PRO A 293 28.31 -37.77 -1.78
C PRO A 293 26.79 -37.71 -1.80
N CYS A 294 26.22 -37.62 -3.01
CA CYS A 294 24.78 -37.70 -3.19
C CYS A 294 24.43 -37.94 -4.65
N ASP A 295 23.43 -38.78 -4.88
CA ASP A 295 22.91 -39.01 -6.23
C ASP A 295 21.59 -38.28 -6.39
N ILE A 296 21.58 -37.22 -7.20
CA ILE A 296 20.38 -36.42 -7.37
C ILE A 296 19.46 -37.03 -8.42
N ASP A 297 18.17 -36.76 -8.28
CA ASP A 297 17.18 -37.19 -9.26
C ASP A 297 16.02 -36.21 -9.24
N ILE A 298 15.37 -36.01 -10.38
CA ILE A 298 14.32 -35.02 -10.51
C ILE A 298 13.10 -35.38 -9.66
N ASP A 299 12.97 -36.67 -9.32
CA ASP A 299 11.84 -37.13 -8.52
C ASP A 299 11.90 -36.61 -7.08
N LEU A 301 12.25 -33.68 -6.39
CA LEU A 301 11.69 -32.34 -6.45
C LEU A 301 10.21 -32.34 -6.83
N ARG A 302 9.54 -33.47 -6.60
CA ARG A 302 8.12 -33.57 -6.86
C ARG A 302 7.35 -32.63 -5.94
N GLY A 303 6.47 -31.81 -6.51
CA GLY A 303 5.74 -30.82 -5.75
C GLY A 303 6.37 -29.45 -5.83
N TYR A 304 7.54 -29.38 -6.46
CA TYR A 304 8.26 -28.11 -6.59
C TYR A 304 8.55 -27.79 -8.06
N HIS A 305 8.12 -28.66 -8.96
CA HIS A 305 8.39 -28.46 -10.38
C HIS A 305 7.35 -29.10 -11.27
N PHE A 306 7.35 -28.72 -12.54
CA PHE A 306 6.53 -29.37 -13.55
C PHE A 306 7.32 -29.53 -14.85
N LYS A 307 6.82 -30.38 -15.74
CA LYS A 307 7.52 -30.65 -16.99
C LYS A 307 6.72 -30.21 -18.20
N PRO A 308 7.05 -29.02 -18.75
CA PRO A 308 6.42 -28.49 -19.96
C PRO A 308 6.50 -29.49 -21.11
N THR A 309 7.67 -30.09 -21.29
CA THR A 309 7.85 -31.22 -22.19
C THR A 309 8.42 -32.39 -21.40
N ASP A 310 8.54 -33.55 -22.04
CA ASP A 310 9.04 -34.74 -21.37
C ASP A 310 10.51 -34.61 -20.98
N LYS A 311 11.23 -33.72 -21.66
CA LYS A 311 12.66 -33.57 -21.43
C LYS A 311 13.03 -32.20 -20.85
N THR A 312 12.03 -31.47 -20.34
CA THR A 312 12.30 -30.16 -19.74
C THR A 312 11.68 -30.04 -18.35
N VAL A 313 12.18 -29.10 -17.57
CA VAL A 313 11.73 -28.90 -16.20
C VAL A 313 11.56 -27.40 -15.91
N GLN A 314 10.58 -27.06 -15.09
CA GLN A 314 10.37 -25.68 -14.67
C GLN A 314 9.79 -25.60 -13.26
N TYR A 315 10.26 -24.64 -12.48
CA TYR A 315 9.81 -24.47 -11.09
C TYR A 315 8.36 -24.03 -11.01
N ILE A 316 7.66 -24.49 -9.97
CA ILE A 316 6.32 -24.01 -9.68
C ILE A 316 6.10 -23.94 -8.16
N ALA A 317 5.53 -22.83 -7.71
CA ALA A 317 5.20 -22.66 -6.30
C ALA A 317 3.72 -22.91 -6.05
N LYS A 318 3.42 -23.73 -5.04
CA LYS A 318 2.03 -24.07 -4.71
C LYS A 318 1.23 -22.84 -4.31
N SER A 319 1.91 -21.84 -3.76
CA SER A 319 1.27 -20.61 -3.32
C SER A 319 0.60 -19.86 -4.47
N THR A 320 1.12 -20.05 -5.67
CA THR A 320 0.60 -19.35 -6.84
C THR A 320 -0.63 -20.06 -7.42
N LEU A 321 -0.90 -21.26 -6.92
CA LEU A 321 -2.01 -22.06 -7.41
C LEU A 321 -3.33 -21.61 -6.79
N PRO A 322 -4.43 -21.70 -7.57
CA PRO A 322 -5.77 -21.39 -7.07
C PRO A 322 -6.18 -22.29 -5.91
N ASP A 324 -9.48 -23.27 -5.44
CA ASP A 324 -10.58 -24.11 -5.89
C ASP A 324 -10.04 -25.27 -6.74
N PRO A 325 -10.43 -26.50 -6.40
CA PRO A 325 -9.95 -27.75 -7.01
C PRO A 325 -10.05 -27.74 -8.55
N LYS A 326 -11.23 -27.43 -9.07
CA LYS A 326 -11.46 -27.45 -10.51
C LYS A 326 -10.52 -26.50 -11.26
N GLU A 327 -10.33 -25.31 -10.70
CA GLU A 327 -9.43 -24.33 -11.31
C GLU A 327 -7.97 -24.76 -11.23
N ARG A 328 -7.56 -25.27 -10.07
CA ARG A 328 -6.18 -25.72 -9.89
C ARG A 328 -5.84 -26.84 -10.86
N PHE A 329 -6.74 -27.81 -11.00
CA PHE A 329 -6.54 -28.88 -11.95
C PHE A 329 -6.54 -28.34 -13.38
N LYS A 330 -7.40 -27.36 -13.64
CA LYS A 330 -7.46 -26.76 -14.98
C LYS A 330 -6.14 -26.09 -15.37
N VAL A 331 -5.60 -25.27 -14.47
CA VAL A 331 -4.38 -24.53 -14.77
C VAL A 331 -3.17 -25.47 -14.77
N LEU A 332 -3.18 -26.48 -13.92
CA LEU A 332 -2.11 -27.47 -13.91
C LEU A 332 -2.09 -28.25 -15.22
N PHE A 333 -3.26 -28.61 -15.72
CA PHE A 333 -3.37 -29.31 -16.99
C PHE A 333 -3.09 -28.40 -18.18
N ARG A 334 -3.31 -27.10 -18.02
CA ARG A 334 -2.97 -26.16 -19.08
C ARG A 334 -1.47 -25.94 -19.16
N LEU A 335 -0.80 -25.90 -18.01
CA LEU A 335 0.64 -25.77 -17.95
C LEU A 335 1.31 -27.03 -18.50
N GLN A 336 0.70 -28.17 -18.23
CA GLN A 336 1.22 -29.46 -18.69
C GLN A 336 0.06 -30.38 -19.03
N SER A 337 -0.06 -30.73 -20.31
CA SER A 337 -1.19 -31.50 -20.81
C SER A 337 -1.29 -32.89 -20.18
N GLN A 338 -0.16 -33.59 -20.13
CA GLN A 338 -0.14 -34.94 -19.56
C GLN A 338 0.81 -35.04 -18.39
N TRP A 339 0.29 -35.51 -17.26
CA TRP A 339 1.07 -35.64 -16.04
C TRP A 339 1.30 -37.10 -15.66
N ASP A 340 2.44 -37.35 -15.02
CA ASP A 340 2.67 -38.63 -14.36
C ASP A 340 1.94 -38.60 -13.02
N LEU A 341 1.39 -39.74 -12.61
CA LEU A 341 0.52 -39.83 -11.45
C LEU A 341 1.16 -39.27 -10.17
N GLU A 342 2.41 -39.60 -9.93
CA GLU A 342 3.12 -39.17 -8.73
C GLU A 342 3.52 -37.69 -8.70
N ASP A 343 3.45 -37.03 -9.86
CA ASP A 343 3.87 -35.64 -9.96
C ASP A 343 2.85 -34.58 -9.48
N ILE A 344 1.56 -34.84 -9.66
CA ILE A 344 0.55 -33.83 -9.37
C ILE A 344 -0.02 -33.91 -7.95
N LYS A 345 0.13 -35.06 -7.31
CA LYS A 345 -0.43 -35.29 -5.98
C LYS A 345 0.00 -34.26 -4.93
N PRO A 346 1.32 -34.00 -4.78
CA PRO A 346 1.65 -33.03 -3.74
C PRO A 346 1.19 -31.61 -4.06
N LEU A 347 0.83 -31.36 -5.32
CA LEU A 347 0.34 -30.06 -5.73
C LEU A 347 -1.15 -29.86 -5.41
N ILE A 348 -1.89 -30.96 -5.27
CA ILE A 348 -3.33 -30.87 -5.05
C ILE A 348 -3.82 -31.48 -3.74
N GLU A 349 -2.93 -32.10 -2.97
CA GLU A 349 -3.30 -32.77 -1.73
C GLU A 349 -3.97 -31.86 -0.71
N GLU A 350 -3.51 -30.61 -0.65
CA GLU A 350 -4.00 -29.67 0.36
C GLU A 350 -5.47 -29.31 0.18
N LEU A 351 -6.02 -29.59 -1.00
CA LEU A 351 -7.40 -29.23 -1.29
C LEU A 351 -8.40 -30.33 -0.91
N ASN A 352 -7.89 -31.49 -0.48
CA ASN A 352 -8.74 -32.59 -0.07
C ASN A 352 -9.26 -32.41 1.36
N SER A 353 -10.14 -31.43 1.56
CA SER A 353 -10.58 -31.06 2.91
C SER A 353 -11.57 -32.07 3.51
N ARG A 354 -12.46 -32.61 2.69
CA ARG A 354 -13.47 -33.55 3.19
C ARG A 354 -12.90 -34.94 3.44
N GLY A 355 -11.76 -35.22 2.84
CA GLY A 355 -11.08 -36.49 3.08
C GLY A 355 -11.68 -37.63 2.27
N LYS A 357 -10.13 -40.97 -0.84
CA LYS A 357 -8.99 -41.58 -1.47
C LYS A 357 -8.41 -40.61 -2.50
N ILE A 358 -7.12 -40.34 -2.41
CA ILE A 358 -6.47 -39.34 -3.25
C ILE A 358 -6.64 -39.68 -4.73
N ASP A 359 -6.64 -40.97 -5.04
CA ASP A 359 -6.82 -41.42 -6.42
C ASP A 359 -8.22 -41.07 -6.90
N SER A 360 -9.21 -41.26 -6.04
CA SER A 360 -10.59 -40.89 -6.33
C SER A 360 -10.73 -39.39 -6.47
N PHE A 361 -10.02 -38.67 -5.60
CA PHE A 361 -10.00 -37.22 -5.62
C PHE A 361 -9.53 -36.72 -6.97
N ILE A 362 -8.47 -37.34 -7.49
CA ILE A 362 -7.98 -37.02 -8.82
C ILE A 362 -9.00 -37.44 -9.88
N LYS A 364 -12.13 -37.37 -9.75
CA LYS A 364 -13.22 -36.41 -9.85
C LYS A 364 -12.95 -35.34 -10.90
N TYR A 365 -11.70 -34.89 -10.99
CA TYR A 365 -11.36 -33.80 -11.89
C TYR A 365 -10.46 -34.26 -13.04
N ALA A 366 -10.01 -35.51 -12.99
CA ALA A 366 -9.08 -36.01 -14.01
C ALA A 366 -9.31 -37.48 -14.30
N ARG A 367 -8.71 -37.97 -15.38
CA ARG A 367 -8.83 -39.37 -15.76
C ARG A 367 -7.48 -39.96 -16.16
N ARG A 368 -7.31 -41.25 -15.88
CA ARG A 368 -6.08 -41.94 -16.27
C ARG A 368 -6.21 -42.45 -17.71
N LYS A 369 -5.10 -42.56 -18.40
CA LYS A 369 -5.10 -43.05 -19.78
C LYS A 369 -3.73 -43.59 -20.17
N THR A 375 1.02 -45.19 -16.53
CA THR A 375 -0.27 -44.55 -16.32
C THR A 375 -0.10 -43.04 -16.10
N VAL A 376 -0.65 -42.25 -17.01
CA VAL A 376 -0.53 -40.80 -16.91
C VAL A 376 -1.88 -40.17 -16.59
N VAL A 377 -1.89 -38.85 -16.37
CA VAL A 377 -3.09 -38.17 -15.95
C VAL A 377 -3.52 -37.06 -16.91
N THR A 378 -4.77 -37.14 -17.37
CA THR A 378 -5.32 -36.11 -18.25
C THR A 378 -6.58 -35.51 -17.63
N SER A 379 -7.03 -34.38 -18.17
CA SER A 379 -8.25 -33.73 -17.69
C SER A 379 -9.48 -34.61 -17.86
N SER B 2 16.76 65.44 -43.30
CA SER B 2 15.57 65.23 -42.49
C SER B 2 14.63 64.23 -43.13
N ILE B 3 13.64 63.79 -42.37
CA ILE B 3 12.61 62.89 -42.87
C ILE B 3 11.26 63.59 -42.83
N ASN B 4 10.57 63.64 -43.97
CA ASN B 4 9.22 64.18 -43.99
C ASN B 4 8.25 63.20 -43.35
N LEU B 5 7.47 63.68 -42.39
CA LEU B 5 6.50 62.83 -41.71
C LEU B 5 5.09 63.08 -42.23
N HIS B 6 4.48 62.03 -42.77
CA HIS B 6 3.12 62.11 -43.28
C HIS B 6 2.18 61.24 -42.47
N SER B 7 0.89 61.56 -42.50
CA SER B 7 -0.11 60.78 -41.78
C SER B 7 -1.36 60.58 -42.62
N ALA B 8 -1.90 59.36 -42.58
CA ALA B 8 -3.16 59.05 -43.24
C ALA B 8 -4.33 59.52 -42.37
N PRO B 9 -5.48 59.82 -42.99
CA PRO B 9 -6.65 60.24 -42.21
C PRO B 9 -7.27 59.08 -41.45
N GLU B 10 -6.93 57.86 -41.86
CA GLU B 10 -7.50 56.66 -41.26
C GLU B 10 -6.47 55.54 -41.17
N TYR B 11 -6.26 55.03 -39.96
CA TYR B 11 -5.31 53.96 -39.75
C TYR B 11 -5.99 52.60 -39.78
N ASP B 12 -5.24 51.57 -40.15
CA ASP B 12 -5.74 50.20 -40.13
C ASP B 12 -5.48 49.58 -38.76
N PRO B 13 -6.56 49.23 -38.04
CA PRO B 13 -6.40 48.69 -36.69
C PRO B 13 -5.95 47.22 -36.68
N SER B 14 -5.81 46.63 -37.87
CA SER B 14 -5.33 45.25 -37.98
C SER B 14 -3.87 45.14 -37.57
N TYR B 15 -3.12 46.23 -37.71
CA TYR B 15 -1.72 46.26 -37.31
C TYR B 15 -1.60 46.38 -35.80
N LYS B 16 -0.95 45.40 -35.17
CA LYS B 16 -0.81 45.41 -33.72
C LYS B 16 0.62 45.09 -33.29
N LEU B 17 1.00 45.61 -32.13
CA LEU B 17 2.34 45.43 -31.59
C LEU B 17 2.39 44.28 -30.59
N ILE B 18 3.28 43.34 -30.83
CA ILE B 18 3.45 42.19 -29.94
C ILE B 18 4.87 42.13 -29.40
N GLN B 19 5.00 42.01 -28.08
CA GLN B 19 6.31 41.88 -27.45
C GLN B 19 6.98 40.58 -27.87
N LEU B 20 8.25 40.67 -28.26
CA LEU B 20 9.00 39.50 -28.68
C LEU B 20 10.14 39.19 -27.71
N THR B 21 9.92 38.18 -26.86
CA THR B 21 10.96 37.65 -25.99
C THR B 21 12.11 37.12 -26.83
N PRO B 22 13.32 37.02 -26.25
CA PRO B 22 14.48 36.49 -26.98
C PRO B 22 14.21 35.18 -27.71
N GLU B 23 13.52 34.25 -27.05
CA GLU B 23 13.21 32.96 -27.66
C GLU B 23 12.19 33.11 -28.78
N LEU B 24 11.15 33.89 -28.53
CA LEU B 24 10.14 34.18 -29.54
C LEU B 24 10.76 34.87 -30.75
N LEU B 25 11.70 35.78 -30.48
CA LEU B 25 12.41 36.50 -31.52
C LEU B 25 13.25 35.53 -32.35
N ASP B 26 13.96 34.64 -31.66
CA ASP B 26 14.77 33.61 -32.34
C ASP B 26 13.91 32.73 -33.23
N ILE B 27 12.74 32.32 -32.73
CA ILE B 27 11.83 31.49 -33.51
C ILE B 27 11.34 32.24 -34.75
N ILE B 28 10.88 33.46 -34.54
CA ILE B 28 10.38 34.30 -35.64
C ILE B 28 11.46 34.57 -36.68
N GLN B 29 12.68 34.86 -36.22
CA GLN B 29 13.78 35.14 -37.14
C GLN B 29 14.52 33.86 -37.54
N ASP B 30 13.78 32.79 -37.76
CA ASP B 30 14.37 31.54 -38.22
C ASP B 30 13.86 31.17 -39.60
N PRO B 31 14.67 31.41 -40.64
CA PRO B 31 14.30 31.14 -42.03
C PRO B 31 14.17 29.65 -42.33
N VAL B 32 14.69 28.82 -41.44
CA VAL B 32 14.67 27.37 -41.62
C VAL B 32 13.25 26.83 -41.71
N GLN B 33 12.38 27.32 -40.83
CA GLN B 33 10.99 26.87 -40.78
C GLN B 33 10.01 28.01 -40.64
N ASN B 34 8.86 27.89 -41.29
CA ASN B 34 7.79 28.86 -41.16
C ASN B 34 6.63 28.28 -40.37
N HIS B 35 5.74 29.15 -39.89
CA HIS B 35 4.55 28.75 -39.13
C HIS B 35 4.90 27.97 -37.87
N GLN B 36 5.99 28.36 -37.21
CA GLN B 36 6.42 27.69 -35.99
C GLN B 36 5.64 28.20 -34.78
N LEU B 37 5.05 29.39 -34.93
CA LEU B 37 4.25 29.98 -33.86
C LEU B 37 2.77 29.97 -34.24
N ARG B 38 1.91 29.82 -33.24
CA ARG B 38 0.48 29.69 -33.48
C ARG B 38 -0.35 30.31 -32.38
N PHE B 39 -1.35 31.11 -32.74
CA PHE B 39 -2.30 31.64 -31.76
C PHE B 39 -3.41 30.61 -31.52
N LYS B 40 -3.69 30.32 -30.25
CA LYS B 40 -4.72 29.34 -29.90
C LYS B 40 -5.68 29.88 -28.85
N SER B 41 -6.95 29.50 -28.96
CA SER B 41 -7.97 29.88 -27.99
C SER B 41 -9.11 28.86 -27.97
N LEU B 42 -9.72 28.69 -26.81
CA LEU B 42 -10.83 27.76 -26.66
C LEU B 42 -12.08 28.27 -27.38
N ASP B 43 -12.31 29.57 -27.30
CA ASP B 43 -13.45 30.19 -27.94
C ASP B 43 -13.08 31.57 -28.48
N LYS B 44 -14.05 32.26 -29.06
CA LYS B 44 -13.78 33.52 -29.74
C LYS B 44 -13.99 34.76 -28.87
N ASP B 45 -14.93 34.67 -27.91
CA ASP B 45 -15.35 35.85 -27.18
C ASP B 45 -14.95 35.90 -25.71
N LYS B 46 -14.64 34.76 -25.11
CA LYS B 46 -14.43 34.71 -23.66
C LYS B 46 -13.02 34.30 -23.22
N SER B 47 -12.57 33.16 -23.73
CA SER B 47 -11.34 32.54 -23.22
C SER B 47 -10.07 33.28 -23.63
N GLU B 48 -9.00 33.02 -22.89
CA GLU B 48 -7.71 33.64 -23.16
C GLU B 48 -7.10 33.15 -24.47
N VAL B 49 -6.23 33.95 -25.05
CA VAL B 49 -5.48 33.54 -26.23
C VAL B 49 -4.02 33.31 -25.86
N VAL B 50 -3.47 32.18 -26.30
CA VAL B 50 -2.07 31.88 -26.04
C VAL B 50 -1.30 31.80 -27.35
N LEU B 51 0.01 31.99 -27.25
CA LEU B 51 0.92 31.83 -28.38
C LEU B 51 1.76 30.59 -28.12
N CYS B 52 1.74 29.65 -29.04
CA CYS B 52 2.43 28.37 -28.83
C CYS B 52 3.39 28.05 -29.95
N SER B 53 4.59 27.61 -29.55
CA SER B 53 5.50 26.92 -30.44
C SER B 53 5.20 25.43 -30.32
N HIS B 54 6.13 24.59 -30.74
CA HIS B 54 5.89 23.15 -30.69
C HIS B 54 6.07 22.60 -29.28
N ASP B 55 6.67 23.38 -28.38
CA ASP B 55 6.99 22.89 -27.05
C ASP B 55 6.88 23.94 -25.94
N LYS B 56 6.40 25.13 -26.27
CA LYS B 56 6.27 26.18 -25.27
C LYS B 56 5.00 27.00 -25.43
N THR B 57 4.61 27.67 -24.34
CA THR B 57 3.38 28.45 -24.33
C THR B 57 3.58 29.82 -23.69
N TRP B 58 3.05 30.85 -24.33
CA TRP B 58 3.07 32.20 -23.80
C TRP B 58 1.64 32.73 -23.68
N VAL B 59 1.37 33.48 -22.61
CA VAL B 59 0.08 34.12 -22.45
C VAL B 59 0.17 35.58 -22.91
N LEU B 60 -0.87 36.03 -23.58
CA LEU B 60 -0.96 37.40 -24.09
C LEU B 60 -1.67 38.31 -23.10
N LYS B 61 -1.14 39.52 -22.91
CA LYS B 61 -1.77 40.51 -22.06
C LYS B 61 -1.72 41.88 -22.74
N GLN B 62 -2.88 42.51 -22.92
CA GLN B 62 -2.90 43.83 -23.53
C GLN B 62 -2.73 44.90 -22.47
N ARG B 63 -1.90 45.90 -22.78
CA ARG B 63 -1.61 46.97 -21.85
C ARG B 63 -1.67 48.33 -22.55
N LYS B 64 -2.64 49.14 -22.17
CA LYS B 64 -2.81 50.47 -22.75
C LYS B 64 -1.80 51.46 -22.17
N HIS B 65 -1.41 52.44 -22.99
CA HIS B 65 -0.51 53.49 -22.55
C HIS B 65 -1.05 54.87 -22.98
N SER B 66 -0.52 55.93 -22.38
CA SER B 66 -1.05 57.27 -22.60
C SER B 66 -0.29 58.07 -23.66
N ASN B 67 0.64 57.41 -24.35
CA ASN B 67 1.43 58.08 -25.38
C ASN B 67 0.88 57.92 -26.79
N THR B 68 1.38 58.76 -27.69
CA THR B 68 1.08 58.63 -29.10
C THR B 68 2.15 57.77 -29.76
N VAL B 69 1.76 56.57 -30.21
CA VAL B 69 2.70 55.70 -30.90
C VAL B 69 2.30 55.49 -32.34
N LEU B 70 3.14 55.97 -33.26
CA LEU B 70 2.87 55.88 -34.68
C LEU B 70 3.84 54.91 -35.38
N LEU B 71 3.27 53.89 -36.01
CA LEU B 71 4.03 53.01 -36.89
C LEU B 71 3.99 53.57 -38.29
N ARG B 73 5.85 53.90 -42.37
CA ARG B 73 6.56 53.18 -43.42
CA ARG B 73 6.57 53.18 -43.41
C ARG B 73 7.09 54.11 -44.50
N GLU B 74 8.21 53.75 -45.10
CA GLU B 74 8.76 54.52 -46.21
C GLU B 74 7.87 54.39 -47.44
N PHE B 75 7.66 55.49 -48.15
CA PHE B 75 6.91 55.44 -49.40
C PHE B 75 7.49 56.37 -50.46
N VAL B 76 7.22 56.04 -51.71
CA VAL B 76 7.65 56.87 -52.84
C VAL B 76 6.49 57.75 -53.30
N PRO B 77 6.58 59.05 -53.03
CA PRO B 77 5.50 59.98 -53.41
C PRO B 77 5.24 59.99 -54.92
N GLU B 78 3.98 59.88 -55.30
CA GLU B 78 3.59 59.90 -56.70
C GLU B 78 3.98 61.22 -57.35
N GLN B 79 3.87 62.30 -56.59
CA GLN B 79 4.32 63.61 -57.01
C GLN B 79 5.31 64.15 -55.97
N PRO B 80 6.32 64.91 -56.42
CA PRO B 80 7.33 65.46 -55.50
C PRO B 80 6.72 66.27 -54.37
N ILE B 81 7.14 66.00 -53.14
CA ILE B 81 6.65 66.71 -51.98
C ILE B 81 7.35 68.06 -51.86
N THR B 82 6.66 69.12 -52.28
CA THR B 82 7.25 70.44 -52.31
C THR B 82 6.56 71.42 -51.37
N PHE B 83 7.35 72.13 -50.59
CA PHE B 83 6.84 73.17 -49.70
C PHE B 83 7.91 74.21 -49.39
N ASP B 84 7.51 75.46 -49.25
CA ASP B 84 8.46 76.50 -48.87
C ASP B 84 8.91 76.35 -47.44
N GLU B 85 10.21 76.14 -47.24
CA GLU B 85 10.77 76.07 -45.90
C GLU B 85 11.23 77.47 -45.47
N THR B 86 10.81 77.91 -44.29
CA THR B 86 11.17 79.24 -43.82
C THR B 86 12.25 79.14 -42.74
N LEU B 87 12.21 78.08 -41.95
CA LEU B 87 13.22 77.87 -40.91
C LEU B 87 14.55 77.51 -41.57
N LEU B 88 15.61 78.19 -41.13
CA LEU B 88 16.93 77.98 -41.70
C LEU B 88 17.82 77.15 -40.81
N PHE B 89 17.51 77.10 -39.52
CA PHE B 89 18.41 76.48 -38.56
C PHE B 89 17.84 75.21 -37.92
N GLY B 90 18.68 74.18 -37.85
CA GLY B 90 18.31 72.91 -37.26
C GLY B 90 17.53 71.98 -38.16
N LEU B 91 17.42 72.34 -39.44
CA LEU B 91 16.66 71.53 -40.38
C LEU B 91 17.44 71.27 -41.66
N SER B 92 17.81 70.01 -41.90
CA SER B 92 18.46 69.66 -43.15
C SER B 92 17.43 69.32 -44.22
N LYS B 93 17.88 69.24 -45.47
CA LYS B 93 17.01 68.91 -46.59
C LYS B 93 16.36 67.54 -46.43
N PRO B 94 15.06 67.45 -46.73
CA PRO B 94 14.38 66.15 -46.71
C PRO B 94 14.91 65.24 -47.81
N TYR B 95 15.21 63.99 -47.46
CA TYR B 95 15.73 63.05 -48.43
C TYR B 95 14.85 61.81 -48.51
N ASP B 97 10.58 60.21 -47.32
CA ASP B 97 9.24 60.41 -46.80
C ASP B 97 8.69 59.14 -46.16
N VAL B 98 8.16 59.26 -44.96
CA VAL B 98 7.48 58.14 -44.32
C VAL B 98 6.04 58.51 -43.97
N VAL B 99 5.16 57.52 -44.00
CA VAL B 99 3.76 57.73 -43.66
C VAL B 99 3.35 56.82 -42.51
N GLY B 100 2.72 57.40 -41.49
CA GLY B 100 2.19 56.62 -40.39
C GLY B 100 1.04 55.78 -40.86
N PHE B 101 1.23 54.46 -40.87
CA PHE B 101 0.18 53.55 -41.32
C PHE B 101 -0.57 52.95 -40.13
N ALA B 102 0.00 53.09 -38.93
CA ALA B 102 -0.70 52.60 -37.75
C ALA B 102 -0.55 53.54 -36.57
N LYS B 103 -1.57 53.59 -35.71
CA LYS B 103 -1.50 54.37 -34.48
C LYS B 103 -1.96 53.52 -33.30
N THR B 104 -1.01 53.05 -32.50
CA THR B 104 -1.33 52.13 -31.42
C THR B 104 -1.41 52.82 -30.06
N GLU B 105 -2.39 52.41 -29.26
CA GLU B 105 -2.59 52.96 -27.93
C GLU B 105 -2.29 51.92 -26.86
N SER B 106 -1.87 50.74 -27.30
CA SER B 106 -1.62 49.64 -26.39
C SER B 106 -0.61 48.66 -26.97
N GLU B 107 -0.04 47.82 -26.11
CA GLU B 107 0.86 46.77 -26.55
C GLU B 107 0.35 45.40 -26.14
N PHE B 108 0.76 44.37 -26.88
CA PHE B 108 0.43 43.00 -26.52
C PHE B 108 1.67 42.30 -25.98
N GLU B 109 1.74 42.19 -24.66
CA GLU B 109 2.86 41.58 -23.97
C GLU B 109 2.74 40.06 -23.93
N THR B 110 3.87 39.39 -24.06
CA THR B 110 3.92 37.93 -24.03
C THR B 110 4.68 37.45 -22.80
N ARG B 111 4.02 36.64 -21.97
CA ARG B 111 4.67 36.09 -20.79
C ARG B 111 4.71 34.57 -20.82
N GLU B 112 5.90 33.99 -20.66
CA GLU B 112 6.03 32.54 -20.64
C GLU B 112 5.15 31.93 -19.55
N THR B 113 4.40 30.91 -19.91
CA THR B 113 3.43 30.31 -18.99
C THR B 113 3.33 28.80 -19.17
N HIS B 114 2.84 28.12 -18.14
CA HIS B 114 2.69 26.66 -18.18
C HIS B 114 1.46 26.25 -18.96
N GLY B 115 1.66 25.53 -20.06
CA GLY B 115 0.58 25.00 -20.87
C GLY B 115 -0.23 23.95 -20.11
N GLU B 116 -1.55 24.00 -20.26
CA GLU B 116 -2.43 23.08 -19.56
C GLU B 116 -3.49 22.49 -20.50
N LEU B 117 -3.94 21.28 -20.18
CA LEU B 117 -4.96 20.60 -20.98
C LEU B 117 -6.38 21.00 -20.60
N ASN B 118 -7.26 21.09 -21.60
CA ASN B 118 -8.67 21.34 -21.38
C ASN B 118 -9.43 20.03 -21.21
N LEU B 119 -9.66 19.65 -19.95
CA LEU B 119 -10.25 18.36 -19.64
C LEU B 119 -11.75 18.46 -19.35
N ASN B 120 -12.45 19.29 -20.13
CA ASN B 120 -13.86 19.54 -19.90
C ASN B 120 -14.77 18.32 -20.02
N SER B 121 -14.79 17.73 -21.21
CA SER B 121 -15.72 16.64 -21.51
C SER B 121 -15.05 15.28 -21.37
N VAL B 122 -13.84 15.26 -20.82
CA VAL B 122 -13.11 14.00 -20.67
C VAL B 122 -13.50 13.31 -19.37
N PRO B 123 -14.13 12.13 -19.48
CA PRO B 123 -14.61 11.39 -18.32
C PRO B 123 -13.50 10.65 -17.59
N ILE B 124 -13.82 10.14 -16.41
CA ILE B 124 -12.88 9.37 -15.62
C ILE B 124 -13.23 7.88 -15.75
N TYR B 125 -12.22 7.08 -16.09
CA TYR B 125 -12.38 5.64 -16.26
C TYR B 125 -11.80 4.88 -15.08
N ASN B 126 -12.61 3.99 -14.49
CA ASN B 126 -12.17 3.25 -13.31
C ASN B 126 -12.04 1.75 -13.57
N GLY B 127 -12.18 1.34 -14.82
CA GLY B 127 -12.00 -0.05 -15.19
C GLY B 127 -13.27 -0.86 -15.14
N GLU B 128 -14.41 -0.18 -15.24
CA GLU B 128 -15.71 -0.84 -15.18
C GLU B 128 -15.95 -1.77 -16.36
N LEU B 129 -15.38 -1.41 -17.51
CA LEU B 129 -15.44 -2.19 -18.76
C LEU B 129 -16.84 -2.19 -19.38
N ASP B 130 -17.84 -1.79 -18.59
CA ASP B 130 -19.18 -1.54 -19.11
C ASP B 130 -19.33 -0.02 -19.12
N PHE B 131 -18.21 0.61 -19.47
CA PHE B 131 -18.00 2.06 -19.43
C PHE B 131 -18.94 2.82 -20.36
N SER B 132 -19.45 2.15 -21.37
CA SER B 132 -20.33 2.76 -22.38
C SER B 132 -21.56 3.42 -21.77
N ASP B 133 -22.13 2.82 -20.73
CA ASP B 133 -23.31 3.38 -20.08
C ASP B 133 -22.98 4.74 -19.46
N LYS B 134 -21.85 4.82 -18.78
CA LYS B 134 -21.42 6.06 -18.14
C LYS B 134 -21.11 7.14 -19.17
N ILE B 135 -20.61 6.72 -20.34
CA ILE B 135 -20.32 7.66 -21.42
C ILE B 135 -21.58 8.33 -21.95
N LYS B 137 -24.54 8.42 -20.65
CA LYS B 137 -25.39 9.03 -19.63
C LYS B 137 -24.68 10.21 -18.98
N ARG B 138 -23.96 10.97 -19.79
CA ARG B 138 -23.30 12.18 -19.34
C ARG B 138 -24.06 13.41 -19.83
N SER B 139 -23.77 14.56 -19.22
CA SER B 139 -24.40 15.81 -19.62
C SER B 139 -23.97 16.20 -21.03
N SER B 140 -22.71 15.95 -21.34
CA SER B 140 -22.15 16.29 -22.65
C SER B 140 -22.13 15.10 -23.61
N THR B 141 -23.03 15.13 -24.59
CA THR B 141 -23.13 14.08 -25.59
C THR B 141 -21.91 14.10 -26.49
N LYS B 142 -21.42 15.31 -26.76
CA LYS B 142 -20.25 15.52 -27.61
C LYS B 142 -19.03 14.79 -27.05
N VAL B 143 -18.37 14.01 -27.90
CA VAL B 143 -17.24 13.21 -27.47
C VAL B 143 -15.95 13.67 -28.15
N ILE B 144 -14.88 13.77 -27.37
CA ILE B 144 -13.58 14.18 -27.88
C ILE B 144 -13.02 13.16 -28.87
N GLY B 145 -13.00 11.90 -28.46
CA GLY B 145 -12.55 10.82 -29.32
C GLY B 145 -11.05 10.67 -29.47
N THR B 146 -10.36 11.74 -29.86
CA THR B 146 -8.94 11.64 -30.13
C THR B 146 -8.12 12.70 -29.39
N LEU B 147 -6.82 12.45 -29.27
CA LEU B 147 -5.93 13.34 -28.55
C LEU B 147 -5.64 14.65 -29.29
N GLU B 148 -5.62 14.59 -30.62
CA GLU B 148 -5.37 15.77 -31.44
C GLU B 148 -6.44 16.84 -31.23
N GLU B 149 -7.69 16.41 -31.11
CA GLU B 149 -8.79 17.32 -30.84
C GLU B 149 -8.64 17.94 -29.46
N LEU B 150 -8.19 17.13 -28.50
CA LEU B 150 -7.97 17.59 -27.14
C LEU B 150 -6.90 18.69 -27.12
N LEU B 151 -5.78 18.43 -27.77
CA LEU B 151 -4.68 19.39 -27.84
C LEU B 151 -5.11 20.66 -28.58
N GLU B 152 -5.91 20.48 -29.63
CA GLU B 152 -6.38 21.60 -30.43
C GLU B 152 -7.24 22.55 -29.60
N ASN B 153 -8.03 22.00 -28.69
CA ASN B 153 -8.91 22.80 -27.86
C ASN B 153 -8.33 23.04 -26.47
N SER B 154 -7.00 23.00 -26.37
CA SER B 154 -6.32 23.23 -25.11
C SER B 154 -5.35 24.40 -25.19
N PRO B 155 -5.20 25.14 -24.07
CA PRO B 155 -4.23 26.23 -23.99
C PRO B 155 -2.82 25.71 -23.68
N CYS B 156 -2.22 25.01 -24.63
CA CYS B 156 -0.88 24.47 -24.45
C CYS B 156 -0.24 24.09 -25.79
N SER B 157 1.07 23.88 -25.77
CA SER B 157 1.78 23.41 -26.95
C SER B 157 1.61 21.89 -27.09
N ALA B 158 1.99 21.36 -28.24
CA ALA B 158 1.86 19.94 -28.52
C ALA B 158 2.65 19.08 -27.53
N LEU B 159 3.91 19.45 -27.30
CA LEU B 159 4.78 18.65 -26.44
C LEU B 159 4.35 18.74 -24.98
N GLU B 160 4.02 19.94 -24.53
CA GLU B 160 3.49 20.14 -23.19
C GLU B 160 2.21 19.31 -23.02
N GLY B 161 1.38 19.33 -24.05
CA GLY B 161 0.12 18.61 -24.04
C GLY B 161 0.29 17.11 -23.91
N ILE B 162 1.15 16.53 -24.74
CA ILE B 162 1.38 15.09 -24.70
C ILE B 162 2.04 14.70 -23.37
N SER B 163 2.98 15.53 -22.90
CA SER B 163 3.65 15.27 -21.63
C SER B 163 2.66 15.25 -20.46
N LYS B 164 1.77 16.24 -20.43
CA LYS B 164 0.77 16.34 -19.37
C LYS B 164 -0.22 15.18 -19.48
N TRP B 165 -0.57 14.82 -20.72
CA TRP B 165 -1.48 13.72 -20.98
C TRP B 165 -0.91 12.40 -20.43
N HIS B 166 0.39 12.22 -20.61
CA HIS B 166 1.07 11.05 -20.06
C HIS B 166 1.15 11.15 -18.54
N LYS B 167 1.27 12.37 -18.03
CA LYS B 167 1.45 12.59 -16.59
C LYS B 167 0.18 12.30 -15.81
N ILE B 168 -0.98 12.57 -16.40
CA ILE B 168 -2.25 12.42 -15.70
C ILE B 168 -2.89 11.06 -15.95
N GLY B 169 -2.18 10.19 -16.66
CA GLY B 169 -2.68 8.86 -16.95
C GLY B 169 -3.84 8.90 -17.92
N GLY B 170 -3.70 9.70 -18.97
CA GLY B 170 -4.72 9.80 -20.00
C GLY B 170 -4.77 8.56 -20.89
N SER B 171 -5.98 8.19 -21.31
CA SER B 171 -6.17 7.00 -22.12
C SER B 171 -7.38 7.17 -23.03
N VAL B 172 -7.81 6.05 -23.62
CA VAL B 172 -9.00 6.04 -24.47
C VAL B 172 -9.71 4.68 -24.40
N LYS B 173 -11.02 4.73 -24.16
CA LYS B 173 -11.83 3.53 -24.07
C LYS B 173 -13.04 3.62 -25.00
N ASP B 174 -13.21 2.59 -25.83
CA ASP B 174 -14.32 2.50 -26.76
C ASP B 174 -14.47 3.74 -27.65
N GLY B 175 -13.35 4.33 -28.03
CA GLY B 175 -13.36 5.47 -28.93
C GLY B 175 -13.56 6.80 -28.22
N VAL B 176 -13.68 6.75 -26.89
CA VAL B 176 -13.84 7.96 -26.10
C VAL B 176 -12.62 8.21 -25.22
N LEU B 177 -12.05 9.41 -25.31
CA LEU B 177 -10.91 9.77 -24.48
C LEU B 177 -11.32 9.76 -23.02
N CYS B 178 -10.40 9.35 -22.15
CA CYS B 178 -10.70 9.25 -20.73
C CYS B 178 -9.47 9.47 -19.87
N ILE B 179 -9.68 9.57 -18.56
CA ILE B 179 -8.57 9.64 -17.62
C ILE B 179 -8.71 8.55 -16.57
N LEU B 180 -7.71 7.69 -16.47
CA LEU B 180 -7.74 6.58 -15.53
C LEU B 180 -7.73 7.09 -14.09
N SER B 181 -8.56 6.49 -13.25
CA SER B 181 -8.53 6.80 -11.82
C SER B 181 -7.18 6.40 -11.25
N GLN B 182 -6.82 7.00 -10.13
CA GLN B 182 -5.57 6.64 -9.46
C GLN B 182 -5.58 5.16 -9.12
N ASP B 183 -6.70 4.71 -8.55
CA ASP B 183 -6.87 3.32 -8.16
C ASP B 183 -6.65 2.38 -9.34
N PHE B 184 -7.37 2.60 -10.43
CA PHE B 184 -7.26 1.72 -11.59
C PHE B 184 -5.92 1.87 -12.31
N LEU B 185 -5.36 3.08 -12.31
CA LEU B 185 -4.06 3.30 -12.94
C LEU B 185 -2.97 2.49 -12.24
N PHE B 186 -2.93 2.60 -10.92
CA PHE B 186 -1.92 1.89 -10.15
C PHE B 186 -2.20 0.39 -10.10
N LYS B 187 -3.47 0.02 -10.16
CA LYS B 187 -3.84 -1.39 -10.21
C LYS B 187 -3.35 -2.00 -11.52
N ALA B 188 -3.56 -1.26 -12.61
CA ALA B 188 -3.12 -1.69 -13.93
C ALA B 188 -1.61 -1.77 -13.97
N LEU B 189 -0.95 -0.86 -13.26
CA LEU B 189 0.50 -0.91 -13.13
C LEU B 189 0.92 -2.21 -12.44
N HIS B 190 0.23 -2.52 -11.33
CA HIS B 190 0.54 -3.70 -10.54
C HIS B 190 0.39 -4.97 -11.38
N VAL B 191 -0.72 -5.05 -12.10
CA VAL B 191 -1.01 -6.19 -12.97
C VAL B 191 0.02 -6.30 -14.09
N LEU B 192 0.39 -5.16 -14.66
CA LEU B 192 1.40 -5.10 -15.71
C LEU B 192 2.72 -5.66 -15.21
N LEU B 193 3.13 -5.22 -14.01
CA LEU B 193 4.37 -5.67 -13.41
C LEU B 193 4.34 -7.16 -13.14
N SER B 195 2.54 -9.43 -14.64
CA SER B 195 2.50 -10.16 -15.90
C SER B 195 3.82 -10.08 -16.65
N ALA B 196 4.49 -8.94 -16.56
CA ALA B 196 5.75 -8.73 -17.27
C ALA B 196 6.84 -9.66 -16.76
N ALA B 198 6.24 -12.47 -15.06
CA ALA B 198 5.78 -13.84 -15.23
C ALA B 198 6.15 -14.37 -16.62
N GLU B 199 6.32 -13.45 -17.56
CA GLU B 199 6.69 -13.81 -18.92
C GLU B 199 8.14 -13.43 -19.20
N SER B 200 8.84 -13.02 -18.15
CA SER B 200 10.24 -12.61 -18.22
C SER B 200 10.50 -11.59 -19.33
N LEU B 201 9.70 -10.54 -19.35
CA LEU B 201 9.87 -9.47 -20.32
C LEU B 201 11.02 -8.55 -19.89
N ASP B 202 11.70 -7.96 -20.87
CA ASP B 202 12.73 -6.98 -20.58
C ASP B 202 12.07 -5.71 -20.05
N LEU B 203 12.22 -5.46 -18.75
CA LEU B 203 11.61 -4.32 -18.11
C LEU B 203 12.22 -2.99 -18.58
N GLN B 204 13.39 -3.07 -19.20
CA GLN B 204 14.02 -1.88 -19.76
C GLN B 204 13.64 -1.68 -21.22
N HIS B 205 13.00 -2.69 -21.80
CA HIS B 205 12.57 -2.61 -23.19
C HIS B 205 11.19 -3.22 -23.38
N LEU B 206 10.18 -2.58 -22.79
CA LEU B 206 8.80 -3.01 -22.92
C LEU B 206 8.13 -2.40 -24.14
N ASN B 207 7.31 -3.18 -24.84
CA ASN B 207 6.47 -2.66 -25.91
C ASN B 207 5.01 -2.92 -25.60
N VAL B 208 4.11 -2.28 -26.34
CA VAL B 208 2.68 -2.40 -26.08
C VAL B 208 2.14 -3.81 -26.34
N GLU B 209 2.47 -4.36 -27.51
CA GLU B 209 1.93 -5.66 -27.92
C GLU B 209 2.32 -6.81 -26.98
N ASP B 210 3.61 -6.96 -26.73
CA ASP B 210 4.10 -8.05 -25.89
C ASP B 210 3.56 -7.95 -24.46
N THR B 211 3.48 -6.73 -23.94
CA THR B 211 3.01 -6.51 -22.58
C THR B 211 1.51 -6.80 -22.48
N HIS B 212 0.76 -6.29 -23.45
CA HIS B 212 -0.68 -6.51 -23.54
C HIS B 212 -0.98 -8.00 -23.62
N HIS B 213 -0.21 -8.71 -24.45
CA HIS B 213 -0.36 -10.15 -24.58
C HIS B 213 -0.03 -10.86 -23.28
N ALA B 214 1.02 -10.41 -22.61
CA ALA B 214 1.42 -10.97 -21.33
C ALA B 214 0.34 -10.79 -20.27
N VAL B 215 -0.37 -9.68 -20.34
CA VAL B 215 -1.42 -9.37 -19.36
C VAL B 215 -2.69 -10.17 -19.63
N GLY B 216 -3.14 -10.16 -20.88
CA GLY B 216 -4.39 -10.80 -21.24
C GLY B 216 -4.21 -12.19 -21.80
N LYS B 217 -3.11 -12.82 -21.41
CA LYS B 217 -2.76 -14.16 -21.90
C LYS B 217 -3.78 -15.22 -21.47
N ASP B 218 -4.07 -15.27 -20.17
CA ASP B 218 -4.91 -16.33 -19.63
C ASP B 218 -6.22 -15.82 -19.03
N ILE B 219 -6.73 -14.70 -19.54
CA ILE B 219 -8.01 -14.18 -19.08
C ILE B 219 -8.97 -13.85 -20.22
N GLU B 220 -10.26 -13.92 -19.93
CA GLU B 220 -11.31 -13.66 -20.92
C GLU B 220 -11.32 -12.20 -21.35
N ASP B 221 -11.60 -11.95 -22.62
CA ASP B 221 -11.66 -10.58 -23.15
C ASP B 221 -12.77 -9.76 -22.50
N GLU B 222 -13.88 -10.40 -22.18
CA GLU B 222 -15.00 -9.71 -21.55
C GLU B 222 -14.67 -9.19 -20.17
N PHE B 223 -13.72 -9.85 -19.51
CA PHE B 223 -13.33 -9.46 -18.15
C PHE B 223 -11.94 -8.86 -18.13
N ASN B 224 -11.42 -8.51 -19.30
CA ASN B 224 -10.10 -7.92 -19.42
C ASN B 224 -10.18 -6.46 -19.85
N PRO B 225 -10.01 -5.53 -18.90
CA PRO B 225 -10.05 -4.09 -19.15
C PRO B 225 -8.72 -3.53 -19.65
N TYR B 226 -7.67 -4.34 -19.55
CA TYR B 226 -6.33 -3.90 -19.93
C TYR B 226 -6.11 -4.03 -21.42
N THR B 227 -6.69 -3.10 -22.17
CA THR B 227 -6.50 -3.06 -23.62
C THR B 227 -5.13 -2.50 -23.96
N ARG B 228 -4.82 -2.43 -25.25
CA ARG B 228 -3.53 -1.92 -25.71
C ARG B 228 -3.34 -0.46 -25.36
N GLU B 229 -4.44 0.29 -25.37
CA GLU B 229 -4.39 1.72 -25.04
C GLU B 229 -4.16 1.94 -23.56
N ILE B 230 -4.77 1.09 -22.73
CA ILE B 230 -4.55 1.12 -21.29
C ILE B 230 -3.10 0.81 -20.97
N ILE B 231 -2.58 -0.26 -21.59
CA ILE B 231 -1.19 -0.65 -21.43
C ILE B 231 -0.26 0.48 -21.83
N GLU B 232 -0.56 1.10 -22.97
CA GLU B 232 0.23 2.21 -23.48
C GLU B 232 0.21 3.39 -22.51
N THR B 233 -0.94 3.61 -21.87
CA THR B 233 -1.07 4.65 -20.86
C THR B 233 -0.19 4.37 -19.65
N VAL B 234 -0.30 3.15 -19.12
CA VAL B 234 0.51 2.72 -17.98
C VAL B 234 2.00 2.89 -18.28
N LEU B 235 2.39 2.50 -19.49
CA LEU B 235 3.78 2.64 -19.92
C LEU B 235 4.19 4.11 -20.00
N ASN B 236 3.30 4.94 -20.55
CA ASN B 236 3.61 6.35 -20.68
C ASN B 236 3.58 7.09 -19.35
N LYS B 237 3.07 6.44 -18.32
CA LYS B 237 3.04 7.03 -16.98
C LYS B 237 4.20 6.58 -16.12
N PHE B 238 4.51 5.28 -16.16
CA PHE B 238 5.48 4.71 -15.24
C PHE B 238 6.76 4.28 -15.94
N ALA B 239 6.84 4.56 -17.23
CA ALA B 239 8.05 4.25 -17.99
C ALA B 239 8.39 5.41 -18.92
N VAL B 240 9.57 5.37 -19.50
CA VAL B 240 9.98 6.39 -20.47
C VAL B 240 10.32 5.71 -21.79
N GLN B 241 9.80 6.27 -22.88
CA GLN B 241 9.96 5.67 -24.19
C GLN B 241 11.17 6.26 -24.92
N GLU B 242 11.87 5.42 -25.66
CA GLU B 242 13.04 5.86 -26.43
C GLU B 242 12.63 6.79 -27.56
N GLN B 243 13.47 7.79 -27.82
CA GLN B 243 13.21 8.72 -28.92
C GLN B 243 14.22 8.49 -30.04
N GLU B 244 15.10 7.52 -29.86
CA GLU B 244 16.12 7.21 -30.85
C GLU B 244 15.51 6.62 -32.11
N ASN B 247 12.48 0.62 -33.72
CA ASN B 247 11.28 1.12 -33.05
C ASN B 247 11.59 1.74 -31.70
N ASN B 248 10.57 2.30 -31.06
CA ASN B 248 10.74 2.96 -29.76
C ASN B 248 10.08 2.17 -28.64
N THR B 249 10.85 1.88 -27.59
CA THR B 249 10.38 1.05 -26.49
C THR B 249 10.48 1.76 -25.14
N TRP B 250 9.80 1.21 -24.13
CA TRP B 250 9.76 1.82 -22.80
C TRP B 250 10.70 1.15 -21.81
N ARG B 251 11.27 1.95 -20.90
CA ARG B 251 11.99 1.43 -19.75
C ARG B 251 11.34 1.97 -18.47
N LEU B 252 11.09 1.09 -17.52
CA LEU B 252 10.38 1.44 -16.29
C LEU B 252 11.13 2.45 -15.43
N ARG B 253 10.39 3.39 -14.87
CA ARG B 253 10.93 4.31 -13.88
C ARG B 253 10.87 3.64 -12.51
N ILE B 254 11.82 2.75 -12.26
CA ILE B 254 11.80 1.90 -11.06
C ILE B 254 11.80 2.70 -9.74
N PRO B 255 12.67 3.70 -9.59
CA PRO B 255 12.63 4.44 -8.32
C PRO B 255 11.30 5.16 -8.07
N PHE B 256 10.65 5.62 -9.13
CA PHE B 256 9.38 6.33 -9.01
C PHE B 256 8.27 5.39 -8.51
N ILE B 257 8.20 4.22 -9.14
CA ILE B 257 7.24 3.19 -8.75
C ILE B 257 7.47 2.73 -7.32
N ALA B 258 8.73 2.42 -7.02
CA ALA B 258 9.12 2.01 -5.68
C ALA B 258 8.74 3.08 -4.66
N GLN B 259 8.91 4.34 -5.06
CA GLN B 259 8.53 5.46 -4.21
C GLN B 259 7.03 5.47 -3.97
N TRP B 260 6.24 5.20 -5.01
CA TRP B 260 4.79 5.14 -4.82
C TRP B 260 4.40 4.04 -3.83
N TYR B 261 4.93 2.85 -4.05
CA TYR B 261 4.67 1.73 -3.14
C TYR B 261 5.08 2.09 -1.71
N GLY B 262 6.17 2.84 -1.59
CA GLY B 262 6.66 3.28 -0.29
C GLY B 262 5.76 4.28 0.39
N ILE B 263 5.16 5.17 -0.40
CA ILE B 263 4.21 6.14 0.11
C ILE B 263 2.98 5.39 0.61
N GLN B 264 2.53 4.42 -0.18
CA GLN B 264 1.43 3.55 0.23
C GLN B 264 1.74 2.86 1.54
N ALA B 265 2.98 2.37 1.68
CA ALA B 265 3.41 1.69 2.90
C ALA B 265 3.37 2.63 4.09
N LEU B 266 3.86 3.85 3.90
CA LEU B 266 3.83 4.87 4.93
C LEU B 266 2.40 5.14 5.39
N ARG B 267 1.49 5.29 4.42
CA ARG B 267 0.11 5.61 4.73
C ARG B 267 -0.62 4.44 5.38
N LYS B 268 -0.16 3.22 5.11
CA LYS B 268 -0.81 2.02 5.64
C LYS B 268 -0.34 1.63 7.03
N TYR B 269 0.98 1.70 7.26
CA TYR B 269 1.56 1.10 8.46
C TYR B 269 2.02 2.11 9.51
N VAL B 270 2.47 3.28 9.09
CA VAL B 270 3.01 4.25 10.05
C VAL B 270 2.27 5.58 9.99
N SER B 271 0.95 5.52 9.81
CA SER B 271 0.12 6.71 9.84
C SER B 271 -0.47 6.87 11.24
N GLY B 272 0.09 7.81 12.01
CA GLY B 272 -0.36 8.03 13.36
C GLY B 272 0.47 7.25 14.38
N ILE B 273 1.31 6.36 13.87
CA ILE B 273 2.14 5.51 14.72
C ILE B 273 3.53 5.36 14.10
N SER B 274 4.54 5.16 14.94
CA SER B 274 5.90 4.97 14.44
C SER B 274 6.25 3.49 14.36
N PRO B 276 10.04 0.83 13.67
CA PRO B 276 11.45 0.60 13.30
C PRO B 276 11.66 0.59 11.78
N ILE B 277 12.76 1.19 11.33
CA ILE B 277 13.03 1.33 9.90
C ILE B 277 13.12 -0.04 9.21
N ASP B 278 13.70 -1.01 9.89
CA ASP B 278 13.88 -2.35 9.33
C ASP B 278 12.53 -2.98 8.98
N GLU B 279 11.62 -2.94 9.93
CA GLU B 279 10.30 -3.55 9.78
C GLU B 279 9.49 -2.86 8.70
N PHE B 280 9.56 -1.52 8.67
CA PHE B 280 8.88 -0.77 7.65
C PHE B 280 9.43 -1.10 6.26
N LEU B 281 10.74 -1.28 6.18
CA LEU B 281 11.35 -1.68 4.92
C LEU B 281 10.84 -3.05 4.50
N ILE B 282 10.67 -3.94 5.47
CA ILE B 282 10.13 -5.27 5.19
C ILE B 282 8.72 -5.19 4.62
N LYS B 283 7.84 -4.44 5.29
CA LYS B 283 6.45 -4.33 4.85
C LYS B 283 6.34 -3.64 3.48
N TRP B 284 7.09 -2.55 3.34
CA TRP B 284 7.22 -1.83 2.07
C TRP B 284 7.58 -2.81 0.96
N LYS B 285 8.63 -3.60 1.19
CA LYS B 285 9.05 -4.60 0.21
C LYS B 285 7.93 -5.60 -0.06
N SER B 286 7.18 -5.94 0.97
CA SER B 286 6.12 -6.94 0.83
C SER B 286 4.94 -6.38 0.02
N LEU B 287 4.83 -5.06 -0.05
CA LEU B 287 3.76 -4.44 -0.84
C LEU B 287 3.98 -4.59 -2.35
N PHE B 288 5.23 -4.80 -2.76
CA PHE B 288 5.56 -4.90 -4.17
C PHE B 288 4.98 -6.17 -4.80
N PRO B 289 4.76 -6.14 -6.12
CA PRO B 289 4.48 -7.41 -6.80
C PRO B 289 5.70 -8.31 -6.60
N PRO B 290 5.48 -9.61 -6.38
CA PRO B 290 6.58 -10.54 -6.10
C PRO B 290 7.72 -10.44 -7.12
N PHE B 291 8.95 -10.49 -6.61
CA PHE B 291 10.16 -10.51 -7.44
C PHE B 291 10.43 -9.19 -8.16
N PHE B 292 9.70 -8.13 -7.82
CA PHE B 292 9.93 -6.83 -8.43
C PHE B 292 11.33 -6.33 -8.06
N PRO B 293 12.18 -6.12 -9.09
CA PRO B 293 13.58 -5.77 -8.85
C PRO B 293 13.79 -4.32 -8.43
N CYS B 294 14.05 -4.12 -7.13
CA CYS B 294 14.42 -2.82 -6.60
C CYS B 294 14.95 -2.95 -5.19
N ASP B 295 15.98 -2.18 -4.86
CA ASP B 295 16.46 -2.09 -3.50
C ASP B 295 15.98 -0.80 -2.89
N ILE B 296 15.05 -0.90 -1.95
CA ILE B 296 14.43 0.25 -1.34
C ILE B 296 15.28 0.84 -0.23
N ASP B 297 15.08 2.13 0.02
CA ASP B 297 15.74 2.83 1.12
C ASP B 297 14.87 3.99 1.56
N ILE B 298 14.94 4.33 2.84
CA ILE B 298 14.05 5.33 3.42
C ILE B 298 14.27 6.73 2.82
N ASP B 299 15.44 6.94 2.22
CA ASP B 299 15.75 8.24 1.61
C ASP B 299 14.86 8.53 0.40
N LEU B 301 11.79 8.16 0.32
CA LEU B 301 10.49 8.63 0.80
C LEU B 301 10.60 9.96 1.52
N ARG B 302 11.65 10.71 1.24
CA ARG B 302 11.83 12.03 1.82
C ARG B 302 10.72 12.99 1.38
N GLY B 303 10.12 13.67 2.35
CA GLY B 303 9.01 14.55 2.09
C GLY B 303 7.68 13.89 2.39
N TYR B 304 7.73 12.61 2.72
CA TYR B 304 6.52 11.85 3.02
C TYR B 304 6.61 11.19 4.40
N HIS B 305 7.71 11.42 5.10
CA HIS B 305 7.91 10.78 6.40
C HIS B 305 8.81 11.61 7.30
N PHE B 306 8.81 11.27 8.59
CA PHE B 306 9.76 11.84 9.53
C PHE B 306 10.24 10.76 10.49
N LYS B 307 11.33 11.04 11.20
CA LYS B 307 11.92 10.06 12.10
C LYS B 307 11.85 10.54 13.55
N PRO B 308 10.86 10.05 14.30
CA PRO B 308 10.72 10.37 15.73
C PRO B 308 12.00 10.06 16.49
N THR B 309 12.58 8.89 16.20
CA THR B 309 13.91 8.55 16.66
C THR B 309 14.77 8.24 15.45
N ASP B 310 16.06 8.02 15.66
CA ASP B 310 16.99 7.76 14.56
C ASP B 310 16.70 6.43 13.86
N LYS B 311 16.04 5.52 14.56
CA LYS B 311 15.78 4.19 14.01
C LYS B 311 14.29 3.91 13.80
N THR B 312 13.48 4.95 13.79
CA THR B 312 12.05 4.78 13.56
C THR B 312 11.53 5.72 12.48
N VAL B 313 10.36 5.40 11.93
CA VAL B 313 9.78 6.17 10.84
C VAL B 313 8.28 6.36 11.08
N GLN B 314 7.76 7.52 10.67
CA GLN B 314 6.33 7.78 10.74
C GLN B 314 5.90 8.68 9.58
N TYR B 315 4.74 8.39 9.02
CA TYR B 315 4.21 9.14 7.89
C TYR B 315 3.84 10.57 8.27
N ILE B 316 4.05 11.48 7.32
CA ILE B 316 3.59 12.86 7.47
C ILE B 316 3.12 13.37 6.12
N ALA B 317 1.96 14.04 6.12
CA ALA B 317 1.45 14.64 4.89
C ALA B 317 1.77 16.12 4.91
N LYS B 318 2.34 16.61 3.82
CA LYS B 318 2.74 18.01 3.72
C LYS B 318 1.52 18.92 3.84
N SER B 319 0.37 18.42 3.39
CA SER B 319 -0.88 19.17 3.41
C SER B 319 -1.34 19.53 4.83
N THR B 320 -0.96 18.71 5.81
CA THR B 320 -1.40 18.93 7.19
C THR B 320 -0.52 19.95 7.92
N LEU B 321 0.58 20.35 7.28
CA LEU B 321 1.53 21.27 7.87
C LEU B 321 1.07 22.72 7.80
N PRO B 322 1.42 23.54 8.81
CA PRO B 322 1.13 24.96 8.85
C PRO B 322 1.73 25.72 7.67
N ASP B 324 2.57 28.91 7.66
CA ASP B 324 3.54 29.89 8.12
C ASP B 324 4.87 29.21 8.42
N PRO B 325 5.97 29.74 7.85
CA PRO B 325 7.31 29.15 7.94
C PRO B 325 7.75 28.84 9.38
N LYS B 326 7.69 29.85 10.25
CA LYS B 326 8.10 29.70 11.63
C LYS B 326 7.28 28.63 12.34
N GLU B 327 5.98 28.61 12.05
CA GLU B 327 5.08 27.62 12.62
C GLU B 327 5.40 26.21 12.15
N ARG B 328 5.62 26.08 10.83
CA ARG B 328 5.92 24.78 10.24
C ARG B 328 7.23 24.23 10.81
N PHE B 329 8.24 25.08 10.92
CA PHE B 329 9.50 24.66 11.52
C PHE B 329 9.29 24.29 12.99
N LYS B 330 8.44 25.04 13.67
CA LYS B 330 8.15 24.77 15.08
C LYS B 330 7.55 23.39 15.28
N VAL B 331 6.53 23.05 14.47
CA VAL B 331 5.85 21.76 14.62
C VAL B 331 6.72 20.61 14.10
N LEU B 332 7.49 20.86 13.05
CA LEU B 332 8.40 19.84 12.52
C LEU B 332 9.47 19.50 13.56
N PHE B 333 10.01 20.53 14.21
CA PHE B 333 11.00 20.34 15.25
C PHE B 333 10.37 19.77 16.52
N ARG B 334 9.06 19.97 16.68
CA ARG B 334 8.33 19.38 17.79
C ARG B 334 8.18 17.88 17.57
N LEU B 335 7.93 17.49 16.33
CA LEU B 335 7.82 16.09 15.96
C LEU B 335 9.18 15.40 16.02
N GLN B 336 10.22 16.11 15.62
CA GLN B 336 11.57 15.57 15.57
C GLN B 336 12.60 16.63 15.95
N SER B 337 13.28 16.42 17.07
CA SER B 337 14.22 17.41 17.60
C SER B 337 15.39 17.68 16.66
N GLN B 338 15.98 16.61 16.11
CA GLN B 338 17.12 16.76 15.22
C GLN B 338 16.80 16.21 13.83
N TRP B 339 16.94 17.06 12.82
CA TRP B 339 16.64 16.66 11.45
C TRP B 339 17.89 16.59 10.58
N ASP B 340 17.88 15.68 9.61
CA ASP B 340 18.86 15.73 8.53
C ASP B 340 18.34 16.77 7.54
N LEU B 341 19.25 17.55 6.96
CA LEU B 341 18.87 18.67 6.09
C LEU B 341 18.00 18.20 4.92
N GLU B 342 18.41 17.10 4.29
CA GLU B 342 17.73 16.60 3.11
C GLU B 342 16.38 15.97 3.48
N ASP B 343 16.19 15.67 4.76
CA ASP B 343 14.94 15.09 5.22
C ASP B 343 13.89 16.17 5.46
N ILE B 344 14.35 17.32 5.94
CA ILE B 344 13.43 18.39 6.32
C ILE B 344 13.21 19.37 5.18
N LYS B 345 14.14 19.42 4.23
CA LYS B 345 14.04 20.37 3.14
C LYS B 345 12.74 20.26 2.30
N PRO B 346 12.39 19.05 1.83
CA PRO B 346 11.19 18.99 0.97
C PRO B 346 9.88 19.29 1.71
N LEU B 347 9.90 19.28 3.05
CA LEU B 347 8.70 19.58 3.82
C LEU B 347 8.46 21.09 3.92
N ILE B 348 9.52 21.87 3.72
CA ILE B 348 9.44 23.32 3.87
C ILE B 348 9.72 24.03 2.55
N GLU B 349 10.04 23.26 1.51
CA GLU B 349 10.43 23.80 0.21
C GLU B 349 9.41 24.75 -0.40
N GLU B 350 8.13 24.43 -0.23
CA GLU B 350 7.05 25.19 -0.85
C GLU B 350 6.86 26.59 -0.26
N LEU B 351 7.43 26.82 0.92
CA LEU B 351 7.25 28.11 1.59
C LEU B 351 8.33 29.11 1.19
N ASN B 352 9.28 28.68 0.38
CA ASN B 352 10.35 29.56 -0.09
C ASN B 352 9.85 30.43 -1.25
N SER B 353 8.93 31.34 -0.93
CA SER B 353 8.25 32.15 -1.93
C SER B 353 9.10 33.28 -2.46
N ARG B 354 9.94 33.85 -1.60
CA ARG B 354 10.70 35.05 -1.93
C ARG B 354 11.87 34.71 -2.84
N GLY B 355 12.20 33.42 -2.92
CA GLY B 355 13.23 32.94 -3.84
C GLY B 355 14.66 33.06 -3.34
N LYS B 357 18.16 31.17 -1.57
CA LYS B 357 18.78 29.86 -1.56
C LYS B 357 18.15 29.06 -0.43
N ILE B 358 17.72 27.84 -0.73
CA ILE B 358 16.95 27.05 0.21
C ILE B 358 17.70 26.83 1.53
N ASP B 359 19.03 26.73 1.46
CA ASP B 359 19.84 26.55 2.66
C ASP B 359 19.77 27.79 3.54
N SER B 360 19.80 28.96 2.93
CA SER B 360 19.66 30.21 3.65
C SER B 360 18.27 30.32 4.26
N PHE B 361 17.27 29.89 3.49
CA PHE B 361 15.88 29.88 3.94
C PHE B 361 15.71 29.03 5.19
N ILE B 362 16.33 27.86 5.19
CA ILE B 362 16.31 26.98 6.37
C ILE B 362 17.08 27.60 7.52
N LYS B 364 17.44 30.57 8.24
CA LYS B 364 16.69 31.67 8.83
C LYS B 364 15.93 31.18 10.07
N TYR B 365 15.42 29.95 10.01
CA TYR B 365 14.59 29.42 11.07
C TYR B 365 15.27 28.29 11.85
N ALA B 366 16.45 27.88 11.40
CA ALA B 366 17.14 26.76 12.02
C ALA B 366 18.66 26.94 12.04
N ARG B 367 19.34 26.08 12.79
CA ARG B 367 20.79 26.14 12.91
C ARG B 367 21.41 24.76 12.78
N ARG B 368 22.63 24.72 12.25
CA ARG B 368 23.37 23.48 12.07
C ARG B 368 24.08 23.03 13.34
N LYS B 369 24.28 21.72 13.47
CA LYS B 369 24.97 21.13 14.61
C LYS B 369 25.53 19.76 14.29
N ARG B 370 26.83 19.58 14.55
CA ARG B 370 27.48 18.30 14.28
C ARG B 370 27.59 17.46 15.55
N LEU B 371 26.96 16.30 15.53
CA LEU B 371 27.01 15.38 16.67
C LEU B 371 27.95 14.22 16.38
N GLY B 372 29.07 14.54 15.72
CA GLY B 372 30.05 13.53 15.36
C GLY B 372 30.50 13.72 13.92
N LYS B 373 30.35 12.67 13.11
CA LYS B 373 30.69 12.74 11.70
C LYS B 373 29.57 13.42 10.92
N LYS B 374 28.34 13.24 11.37
CA LYS B 374 27.18 13.80 10.69
C LYS B 374 26.88 15.23 11.13
N THR B 375 26.30 16.00 10.23
CA THR B 375 25.85 17.35 10.53
C THR B 375 24.34 17.44 10.36
N VAL B 376 23.64 17.70 11.46
CA VAL B 376 22.18 17.77 11.44
C VAL B 376 21.67 19.18 11.69
N VAL B 377 20.34 19.33 11.61
CA VAL B 377 19.71 20.63 11.74
C VAL B 377 18.74 20.68 12.92
N THR B 378 18.92 21.66 13.79
CA THR B 378 18.06 21.84 14.97
C THR B 378 17.40 23.21 14.96
N SER B 379 16.41 23.38 15.84
CA SER B 379 15.72 24.66 15.99
C SER B 379 16.70 25.75 16.44
N ARG B 380 16.40 26.99 16.08
CA ARG B 380 17.25 28.12 16.47
C ARG B 380 17.33 28.27 17.99
N PRO C 2 -10.60 28.38 -31.64
CA PRO C 2 -9.95 28.49 -32.95
C PRO C 2 -8.43 28.65 -32.83
N SER C 3 -7.73 28.51 -33.94
CA SER C 3 -6.27 28.60 -33.95
C SER C 3 -5.74 28.86 -35.36
N VAL C 4 -4.62 29.56 -35.44
CA VAL C 4 -4.01 29.91 -36.72
C VAL C 4 -2.52 30.20 -36.57
N ASP C 5 -1.73 29.75 -37.55
CA ASP C 5 -0.29 29.98 -37.55
C ASP C 5 0.08 31.41 -37.91
N ILE C 6 1.24 31.85 -37.43
CA ILE C 6 1.80 33.13 -37.81
C ILE C 6 2.61 33.00 -39.10
N ASP C 7 2.25 33.77 -40.11
CA ASP C 7 2.98 33.74 -41.37
C ASP C 7 4.13 34.75 -41.37
N ALA C 8 5.35 34.24 -41.50
CA ALA C 8 6.53 35.09 -41.51
C ALA C 8 7.36 34.87 -42.77
N SER C 9 6.74 34.30 -43.79
CA SER C 9 7.42 34.01 -45.04
C SER C 9 7.80 35.29 -45.79
N GLN C 10 6.85 36.21 -45.91
CA GLN C 10 7.06 37.46 -46.63
C GLN C 10 8.16 38.30 -45.99
N TRP C 11 8.10 38.42 -44.67
CA TRP C 11 9.10 39.17 -43.92
C TRP C 11 10.47 38.55 -44.08
N GLN C 12 10.52 37.21 -44.11
CA GLN C 12 11.77 36.49 -44.24
C GLN C 12 12.40 36.71 -45.62
N LYS C 13 11.59 36.56 -46.66
CA LYS C 13 12.06 36.74 -48.03
C LYS C 13 12.52 38.17 -48.27
N LEU C 14 11.73 39.12 -47.78
CA LEU C 14 12.06 40.53 -47.93
C LEU C 14 13.33 40.89 -47.16
N THR C 15 13.49 40.29 -45.99
CA THR C 15 14.69 40.50 -45.17
C THR C 15 15.93 39.96 -45.89
N GLN C 16 15.81 38.75 -46.41
CA GLN C 16 16.91 38.10 -47.13
C GLN C 16 17.30 38.83 -48.41
N SER C 17 16.32 39.41 -49.10
CA SER C 17 16.59 40.08 -50.37
C SER C 17 17.04 41.53 -50.24
N ARG C 18 16.99 42.09 -49.04
CA ARG C 18 17.38 43.47 -48.84
C ARG C 18 18.59 43.60 -47.91
N GLU C 19 19.31 44.71 -48.03
CA GLU C 19 20.58 44.90 -47.34
C GLU C 19 20.45 45.02 -45.82
N LYS C 20 21.60 45.04 -45.15
CA LYS C 20 21.65 45.17 -43.70
C LYS C 20 21.15 46.55 -43.27
N GLN C 21 20.62 46.62 -42.05
CA GLN C 21 20.05 47.87 -41.54
C GLN C 21 21.13 48.93 -41.33
N THR C 22 20.95 50.09 -41.94
CA THR C 22 21.91 51.17 -41.85
C THR C 22 21.50 52.22 -40.81
N THR C 23 20.31 52.79 -40.98
CA THR C 23 19.80 53.79 -40.06
C THR C 23 18.80 53.16 -39.09
N VAL C 24 17.96 53.99 -38.47
CA VAL C 24 16.97 53.48 -37.53
C VAL C 24 15.87 52.76 -38.29
N ILE C 25 15.67 53.17 -39.55
CA ILE C 25 14.72 52.53 -40.43
C ILE C 25 15.13 51.09 -40.72
N THR C 26 14.22 50.15 -40.53
CA THR C 26 14.49 48.75 -40.83
C THR C 26 14.71 48.58 -42.34
N PRO C 27 15.38 47.49 -42.74
CA PRO C 27 15.55 47.21 -44.17
C PRO C 27 14.23 47.13 -44.93
N LEU C 28 13.14 46.89 -44.23
CA LEU C 28 11.82 46.82 -44.85
C LEU C 28 11.18 48.19 -44.93
N GLY C 29 11.87 49.20 -44.39
CA GLY C 29 11.43 50.58 -44.51
C GLY C 29 10.41 51.02 -43.50
N LEU C 33 7.55 55.75 -34.01
CA LEU C 33 7.63 57.08 -33.41
C LEU C 33 6.74 57.18 -32.17
N GLU C 34 7.29 57.70 -31.08
CA GLU C 34 6.54 57.84 -29.83
C GLU C 34 6.63 59.25 -29.26
N ILE C 35 5.47 59.81 -28.92
CA ILE C 35 5.40 61.15 -28.37
C ILE C 35 4.61 61.16 -27.06
N GLN C 36 5.20 61.74 -26.02
CA GLN C 36 4.49 61.89 -24.75
C GLN C 36 3.49 63.03 -24.88
N GLY C 37 2.36 62.73 -25.53
CA GLY C 37 1.34 63.73 -25.76
C GLY C 37 0.40 63.29 -26.88
N GLU C 38 -0.48 64.19 -27.30
CA GLU C 38 -1.42 63.88 -28.35
C GLU C 38 -1.11 64.69 -29.60
N LEU C 39 -0.96 63.98 -30.72
CA LEU C 39 -0.70 64.63 -32.01
C LEU C 39 -1.99 65.18 -32.60
N GLU C 40 -2.16 66.49 -32.52
CA GLU C 40 -3.40 67.11 -32.98
C GLU C 40 -3.38 67.34 -34.49
N LEU C 41 -4.15 66.50 -35.18
CA LEU C 41 -4.32 66.61 -36.63
C LEU C 41 -5.77 66.98 -36.93
N PRO C 42 -6.01 67.63 -38.07
CA PRO C 42 -7.38 68.00 -38.47
C PRO C 42 -8.32 66.80 -38.57
N LYS C 43 -9.60 67.03 -38.27
CA LYS C 43 -10.59 65.96 -38.32
C LYS C 43 -11.07 65.73 -39.75
N ASP C 44 -10.81 66.70 -40.63
CA ASP C 44 -11.26 66.63 -42.01
C ASP C 44 -10.11 66.97 -42.96
N PHE C 45 -9.39 65.94 -43.41
CA PHE C 45 -8.29 66.14 -44.34
C PHE C 45 -8.81 66.66 -45.67
N ALA C 46 -9.98 66.15 -46.07
CA ALA C 46 -10.55 66.48 -47.38
C ALA C 46 -10.83 67.96 -47.55
N SER C 47 -11.35 68.59 -46.50
CA SER C 47 -11.69 70.01 -46.55
C SER C 47 -10.45 70.89 -46.63
N LEU C 48 -9.43 70.57 -45.85
CA LEU C 48 -8.22 71.38 -45.80
C LEU C 48 -7.29 71.13 -46.99
N ALA C 49 -7.43 69.97 -47.62
CA ALA C 49 -6.62 69.64 -48.78
C ALA C 49 -6.97 70.54 -49.95
N ARG C 50 -8.21 71.02 -49.96
CA ARG C 50 -8.67 71.94 -51.00
C ARG C 50 -8.15 73.35 -50.75
N ARG C 51 -7.86 73.65 -49.49
CA ARG C 51 -7.33 74.95 -49.10
C ARG C 51 -5.81 74.98 -49.14
N ASP C 52 -5.22 73.83 -49.43
CA ASP C 52 -3.76 73.70 -49.44
C ASP C 52 -3.11 74.56 -50.53
N SER C 53 -2.15 75.38 -50.12
CA SER C 53 -1.40 76.22 -51.04
C SER C 53 -0.07 75.56 -51.38
N PRO C 54 0.49 75.88 -52.55
CA PRO C 54 1.79 75.31 -52.95
C PRO C 54 2.91 75.57 -51.95
N ASN C 55 2.88 76.74 -51.31
CA ASN C 55 3.86 77.08 -50.29
C ASN C 55 3.79 76.16 -49.08
N GLU C 56 2.57 75.77 -48.70
CA GLU C 56 2.38 74.93 -47.53
C GLU C 56 2.78 73.49 -47.81
N GLY C 57 2.32 72.96 -48.94
CA GLY C 57 2.61 71.58 -49.31
C GLY C 57 2.20 70.64 -48.20
N ARG C 58 1.05 70.92 -47.60
CA ARG C 58 0.61 70.21 -46.40
C ARG C 58 -0.16 68.93 -46.72
N PHE C 59 -0.67 68.83 -47.94
CA PHE C 59 -1.45 67.66 -48.33
C PHE C 59 -1.00 67.08 -49.68
N SER C 60 -1.09 65.77 -49.80
CA SER C 60 -0.79 65.10 -51.07
C SER C 60 -1.63 63.84 -51.21
N GLU C 61 -1.70 63.28 -52.42
CA GLU C 61 -2.41 62.03 -52.62
C GLU C 61 -1.44 60.88 -52.87
N GLN C 62 -1.56 59.83 -52.06
CA GLN C 62 -0.73 58.65 -52.20
C GLN C 62 -1.59 57.38 -52.15
N ASP C 63 -1.60 56.65 -53.26
CA ASP C 63 -2.33 55.39 -53.38
C ASP C 63 -3.80 55.55 -52.98
N GLY C 64 -4.42 56.63 -53.42
CA GLY C 64 -5.83 56.86 -53.15
C GLY C 64 -6.13 57.42 -51.78
N GLU C 65 -5.08 57.70 -51.01
CA GLU C 65 -5.25 58.26 -49.67
C GLU C 65 -4.70 59.68 -49.57
N THR C 66 -5.46 60.57 -48.95
CA THR C 66 -5.00 61.95 -48.76
C THR C 66 -4.14 62.06 -47.51
N LEU C 67 -2.84 62.21 -47.71
CA LEU C 67 -1.88 62.31 -46.62
C LEU C 67 -1.61 63.76 -46.24
N ILE C 68 -1.49 64.00 -44.94
CA ILE C 68 -1.08 65.31 -44.45
C ILE C 68 0.38 65.27 -44.03
N ARG C 69 1.13 66.29 -44.44
CA ARG C 69 2.51 66.44 -43.99
C ARG C 69 2.53 67.21 -42.68
N PHE C 70 2.70 66.49 -41.57
CA PHE C 70 2.52 67.11 -40.26
C PHE C 70 3.83 67.47 -39.57
N GLY C 71 4.95 67.00 -40.11
CA GLY C 71 6.22 67.33 -39.48
C GLY C 71 7.48 66.86 -40.16
N SER C 72 8.60 67.04 -39.48
CA SER C 72 9.92 66.65 -39.98
C SER C 72 10.73 65.97 -38.88
N LEU C 73 11.54 64.98 -39.25
CA LEU C 73 12.37 64.28 -38.27
C LEU C 73 13.84 64.38 -38.64
N GLN C 74 14.66 64.74 -37.67
CA GLN C 74 16.10 64.90 -37.89
C GLN C 74 16.90 64.06 -36.90
N ILE C 75 17.65 63.10 -37.42
CA ILE C 75 18.43 62.19 -36.58
C ILE C 75 19.92 62.53 -36.58
N ASP C 76 20.43 62.88 -35.40
CA ASP C 76 21.86 63.11 -35.21
C ASP C 76 22.38 62.10 -34.19
N GLY C 77 22.86 60.96 -34.67
CA GLY C 77 23.31 59.89 -33.81
C GLY C 77 22.19 59.34 -32.95
N GLU C 78 22.35 59.41 -31.64
CA GLU C 78 21.30 59.02 -30.72
C GLU C 78 20.30 60.16 -30.54
N ARG C 79 20.78 61.38 -30.73
CA ARG C 79 19.93 62.55 -30.55
C ARG C 79 18.94 62.65 -31.70
N ALA C 80 17.73 63.13 -31.41
CA ALA C 80 16.72 63.30 -32.44
C ALA C 80 15.90 64.54 -32.19
N THR C 81 15.49 65.21 -33.27
CA THR C 81 14.63 66.38 -33.13
C THR C 81 13.44 66.29 -34.06
N LEU C 82 12.27 66.62 -33.53
CA LEU C 82 11.01 66.52 -34.25
C LEU C 82 10.35 67.87 -34.40
N PHE C 83 10.14 68.29 -35.64
CA PHE C 83 9.40 69.51 -35.89
C PHE C 83 7.95 69.17 -36.19
N VAL C 84 7.04 69.81 -35.47
CA VAL C 84 5.62 69.59 -35.66
C VAL C 84 4.92 70.89 -36.04
N GLY C 85 4.15 70.83 -37.12
CA GLY C 85 3.44 71.97 -37.65
C GLY C 85 4.40 73.07 -38.10
N LYS C 86 4.03 74.31 -37.84
CA LYS C 86 4.86 75.44 -38.20
C LYS C 86 5.57 76.03 -36.99
N LYS C 87 5.12 75.63 -35.81
CA LYS C 87 5.51 76.33 -34.59
C LYS C 87 6.09 75.44 -33.49
N GLN C 88 6.26 74.13 -33.75
CA GLN C 88 6.74 73.28 -32.66
C GLN C 88 8.03 72.53 -32.95
N ARG C 89 8.88 72.46 -31.93
CA ARG C 89 10.11 71.68 -31.96
C ARG C 89 10.25 70.87 -30.68
N LEU C 90 10.45 69.56 -30.82
CA LEU C 90 10.56 68.65 -29.69
C LEU C 90 11.91 67.94 -29.72
N LEU C 91 12.56 67.88 -28.57
CA LEU C 91 13.84 67.18 -28.47
C LEU C 91 13.64 65.79 -27.88
N GLY C 92 14.22 64.79 -28.53
CA GLY C 92 14.09 63.41 -28.08
C GLY C 92 15.27 62.55 -28.46
N LYS C 93 15.09 61.23 -28.35
CA LYS C 93 16.19 60.31 -28.57
C LYS C 93 15.79 59.04 -29.33
N VAL C 94 16.76 58.46 -30.02
CA VAL C 94 16.61 57.13 -30.59
C VAL C 94 17.07 56.11 -29.56
N THR C 95 16.14 55.31 -29.08
CA THR C 95 16.46 54.32 -28.05
C THR C 95 16.22 52.89 -28.53
N LYS C 96 17.14 52.01 -28.16
CA LYS C 96 17.02 50.59 -28.47
C LYS C 96 16.06 49.93 -27.50
N LEU C 97 15.05 49.25 -28.06
CA LEU C 97 14.06 48.58 -27.23
C LEU C 97 14.64 47.41 -26.46
N ASP C 98 14.38 47.38 -25.16
CA ASP C 98 14.75 46.23 -24.33
C ASP C 98 14.01 45.00 -24.85
N VAL C 99 12.74 45.17 -25.13
CA VAL C 99 11.94 44.11 -25.73
C VAL C 99 11.53 44.52 -27.15
N PRO C 100 12.12 43.85 -28.16
CA PRO C 100 11.77 44.09 -29.56
C PRO C 100 10.29 43.89 -29.81
N GLY C 102 7.15 43.08 -32.31
CA GLY C 102 6.73 42.52 -33.57
C GLY C 102 5.51 43.25 -34.08
N ILE C 103 5.58 43.76 -35.30
CA ILE C 103 4.43 44.36 -35.93
C ILE C 103 3.69 43.28 -36.72
N HIS C 105 0.00 41.99 -38.70
CA HIS C 105 -1.27 42.38 -39.33
C HIS C 105 -2.27 41.25 -39.19
N PHE C 106 -3.36 41.53 -38.48
CA PHE C 106 -4.39 40.52 -38.24
C PHE C 106 -5.50 40.63 -39.27
N ASN C 107 -5.45 39.76 -40.27
CA ASN C 107 -6.47 39.73 -41.32
C ASN C 107 -7.73 39.04 -40.82
N SER C 108 -8.72 39.85 -40.42
CA SER C 108 -9.95 39.34 -39.83
C SER C 108 -10.75 38.46 -40.78
N LYS C 109 -10.73 38.79 -42.06
CA LYS C 109 -11.48 38.04 -43.08
C LYS C 109 -11.19 36.55 -43.05
N ASP C 110 -9.91 36.20 -43.14
CA ASP C 110 -9.51 34.80 -43.19
C ASP C 110 -8.96 34.33 -41.85
N ASN C 111 -9.04 35.21 -40.85
CA ASN C 111 -8.45 34.96 -39.53
C ASN C 111 -6.99 34.54 -39.65
N LYS C 112 -6.25 35.26 -40.48
CA LYS C 112 -4.83 34.98 -40.67
C LYS C 112 -3.99 36.12 -40.11
N VAL C 113 -2.86 35.77 -39.50
CA VAL C 113 -1.94 36.76 -38.96
C VAL C 113 -0.62 36.71 -39.70
N GLU C 114 -0.12 37.88 -40.09
CA GLU C 114 1.13 37.97 -40.84
C GLU C 114 2.13 38.90 -40.15
N LEU C 115 3.36 38.43 -40.01
CA LEU C 115 4.43 39.27 -39.48
C LEU C 115 4.78 40.37 -40.47
N VAL C 116 4.64 41.61 -40.04
CA VAL C 116 4.93 42.75 -40.91
C VAL C 116 6.40 43.14 -40.80
N ASP C 117 6.85 43.40 -39.58
CA ASP C 117 8.24 43.77 -39.32
C ASP C 117 8.57 43.63 -37.85
N VAL C 118 9.84 43.77 -37.51
CA VAL C 118 10.29 43.73 -36.13
C VAL C 118 10.94 45.04 -35.72
N LYS C 120 13.15 47.15 -33.36
CA LYS C 120 14.21 47.00 -32.36
C LYS C 120 14.57 48.36 -31.77
N TYR C 121 14.15 49.42 -32.45
CA TYR C 121 14.43 50.77 -31.98
C TYR C 121 13.17 51.63 -32.02
N LYS C 122 13.18 52.74 -31.29
CA LYS C 122 12.10 53.70 -31.39
C LYS C 122 12.63 55.12 -31.19
N VAL C 123 11.99 56.09 -31.85
CA VAL C 123 12.35 57.49 -31.68
C VAL C 123 11.33 58.15 -30.76
N ILE C 124 11.74 58.43 -29.53
CA ILE C 124 10.81 58.89 -28.51
C ILE C 124 11.06 60.34 -28.08
N PHE C 125 9.97 61.04 -27.79
CA PHE C 125 10.01 62.43 -27.36
C PHE C 125 9.17 62.62 -26.10
N LYS C 126 9.83 62.73 -24.95
CA LYS C 126 9.14 62.80 -23.67
C LYS C 126 9.10 64.20 -23.06
N ASP C 127 9.71 65.16 -23.74
CA ASP C 127 9.82 66.50 -23.19
C ASP C 127 8.93 67.51 -23.91
N ARG C 128 8.56 68.56 -23.17
CA ARG C 128 7.65 69.59 -23.67
C ARG C 128 8.16 70.25 -24.94
N PRO C 129 7.29 70.41 -25.94
CA PRO C 129 7.64 71.05 -27.22
C PRO C 129 8.19 72.46 -27.04
N LEU C 130 9.15 72.81 -27.89
CA LEU C 130 9.82 74.10 -27.83
C LEU C 130 9.51 74.94 -29.07
N PRO C 131 9.80 76.25 -29.00
CA PRO C 131 9.78 77.05 -30.23
C PRO C 131 10.74 76.48 -31.27
N ILE C 132 10.52 76.79 -32.54
CA ILE C 132 11.28 76.15 -33.62
C ILE C 132 12.77 76.50 -33.61
N VAL D 2 -4.22 75.51 -42.02
CA VAL D 2 -4.17 74.23 -41.32
C VAL D 2 -3.40 74.34 -40.02
N LYS D 3 -3.93 73.71 -38.98
CA LYS D 3 -3.33 73.78 -37.64
C LYS D 3 -2.83 72.41 -37.18
N ILE D 4 -1.52 72.27 -37.09
CA ILE D 4 -0.90 71.01 -36.69
C ILE D 4 0.02 71.23 -35.49
N TRP D 5 -0.21 70.47 -34.42
CA TRP D 5 0.59 70.61 -33.21
C TRP D 5 0.49 69.41 -32.28
N VAL D 6 1.32 69.43 -31.24
CA VAL D 6 1.31 68.39 -30.22
C VAL D 6 0.80 68.94 -28.90
N LYS D 7 -0.27 68.33 -28.37
CA LYS D 7 -0.73 68.64 -27.03
C LYS D 7 0.06 67.79 -26.04
N TYR D 8 1.00 68.42 -25.36
CA TYR D 8 1.91 67.72 -24.47
C TYR D 8 1.22 67.11 -23.25
N ASN D 9 1.45 65.83 -23.03
CA ASN D 9 1.02 65.18 -21.79
C ASN D 9 2.10 65.40 -20.74
N GLU D 10 1.69 65.89 -19.57
CA GLU D 10 2.63 66.23 -18.52
C GLU D 10 3.45 65.03 -18.04
N GLY D 11 2.82 63.86 -18.06
CA GLY D 11 3.50 62.64 -17.66
C GLY D 11 3.09 61.46 -18.50
N PHE D 12 3.37 60.26 -17.99
CA PHE D 12 3.07 59.04 -18.73
C PHE D 12 2.34 58.01 -17.86
N SER D 13 1.24 57.48 -18.38
CA SER D 13 0.48 56.45 -17.67
C SER D 13 0.26 55.21 -18.53
N ASN D 14 0.49 54.04 -17.94
CA ASN D 14 0.08 52.79 -18.56
C ASN D 14 -0.98 52.12 -17.68
N ALA D 15 -2.11 51.79 -18.30
CA ALA D 15 -3.21 51.17 -17.56
C ALA D 15 -2.84 49.74 -17.15
N VAL D 16 -3.68 49.16 -16.29
CA VAL D 16 -3.49 47.79 -15.81
C VAL D 16 -3.58 46.81 -16.99
N ARG D 17 -2.72 45.81 -16.98
CA ARG D 17 -2.75 44.74 -17.98
C ARG D 17 -4.11 44.05 -18.00
N LYS D 18 -4.57 43.72 -19.20
CA LYS D 18 -5.86 43.06 -19.38
C LYS D 18 -5.68 41.74 -20.13
N ASN D 19 -6.58 40.80 -19.91
CA ASN D 19 -6.58 39.56 -20.67
C ASN D 19 -6.93 39.83 -22.13
N VAL D 20 -6.57 38.90 -23.01
CA VAL D 20 -6.83 39.05 -24.43
C VAL D 20 -7.72 37.92 -24.95
N THR D 21 -8.77 38.28 -25.68
CA THR D 21 -9.65 37.29 -26.30
C THR D 21 -9.35 37.19 -27.79
N TRP D 22 -9.93 36.20 -28.44
CA TRP D 22 -9.72 35.98 -29.87
C TRP D 22 -10.24 37.15 -30.69
N ASN D 23 -11.36 37.71 -30.27
CA ASN D 23 -11.96 38.84 -30.97
C ASN D 23 -11.15 40.13 -30.81
N ASN D 24 -10.37 40.21 -29.74
CA ASN D 24 -9.52 41.37 -29.49
C ASN D 24 -8.44 41.52 -30.56
N LEU D 25 -7.96 40.39 -31.07
CA LEU D 25 -6.93 40.39 -32.09
C LEU D 25 -7.52 40.64 -33.48
N TRP D 26 -8.58 39.92 -33.80
CA TRP D 26 -9.28 40.10 -35.07
C TRP D 26 -10.58 40.87 -34.87
N GLU D 27 -10.49 42.20 -35.02
CA GLU D 27 -11.64 43.06 -34.84
C GLU D 27 -12.43 43.20 -36.14
N PRO E 2 1.67 -20.44 34.08
CA PRO E 2 1.78 -21.38 35.20
C PRO E 2 1.62 -22.83 34.75
N SER E 3 1.95 -23.77 35.63
CA SER E 3 1.86 -25.18 35.28
C SER E 3 1.85 -26.06 36.54
N VAL E 4 1.14 -27.18 36.46
CA VAL E 4 1.05 -28.10 37.60
C VAL E 4 0.66 -29.51 37.15
N ASP E 5 1.28 -30.52 37.77
CA ASP E 5 0.99 -31.91 37.45
C ASP E 5 -0.34 -32.35 38.06
N ILE E 6 -0.97 -33.34 37.43
CA ILE E 6 -2.15 -33.98 37.99
C ILE E 6 -1.73 -35.11 38.92
N ASP E 7 -2.16 -35.02 40.18
CA ASP E 7 -1.84 -36.06 41.15
C ASP E 7 -2.91 -37.15 41.16
N ALA E 8 -2.51 -38.37 40.83
CA ALA E 8 -3.43 -39.50 40.80
C ALA E 8 -2.95 -40.60 41.72
N SER E 9 -2.06 -40.26 42.65
CA SER E 9 -1.49 -41.24 43.57
C SER E 9 -2.54 -41.76 44.55
N GLN E 10 -3.32 -40.87 45.13
CA GLN E 10 -4.33 -41.24 46.11
C GLN E 10 -5.38 -42.14 45.47
N TRP E 11 -5.85 -41.75 44.30
CA TRP E 11 -6.83 -42.53 43.54
C TRP E 11 -6.26 -43.90 43.19
N GLN E 12 -4.97 -43.93 42.89
CA GLN E 12 -4.31 -45.17 42.50
C GLN E 12 -4.27 -46.14 43.68
N LYS E 13 -3.86 -45.60 44.84
CA LYS E 13 -3.77 -46.40 46.06
C LYS E 13 -5.12 -46.93 46.49
N LEU E 14 -6.14 -46.08 46.43
CA LEU E 14 -7.50 -46.49 46.79
C LEU E 14 -8.04 -47.52 45.80
N THR E 15 -7.72 -47.35 44.52
CA THR E 15 -8.13 -48.28 43.48
C THR E 15 -7.53 -49.66 43.68
N GLN E 16 -6.24 -49.71 43.96
CA GLN E 16 -5.55 -50.98 44.18
C GLN E 16 -6.14 -51.69 45.40
N SER E 17 -6.50 -50.89 46.40
CA SER E 17 -7.09 -51.44 47.61
C SER E 17 -8.59 -51.56 47.43
N ARG E 18 -9.30 -51.92 48.52
CA ARG E 18 -10.75 -52.07 48.50
C ARG E 18 -11.22 -53.03 47.41
N THR E 23 -22.80 -52.80 41.67
CA THR E 23 -23.57 -51.85 40.87
C THR E 23 -22.68 -50.85 40.16
N VAL E 24 -23.28 -49.72 39.79
CA VAL E 24 -22.61 -48.64 39.08
C VAL E 24 -21.64 -47.89 39.98
N ILE E 25 -21.83 -48.02 41.29
CA ILE E 25 -20.97 -47.36 42.26
C ILE E 25 -19.53 -47.82 42.10
N THR E 26 -18.63 -46.85 41.97
CA THR E 26 -17.21 -47.12 41.84
C THR E 26 -16.65 -47.75 43.11
N PRO E 27 -15.51 -48.44 43.01
CA PRO E 27 -14.85 -48.99 44.21
C PRO E 27 -14.54 -47.93 45.26
N LEU E 28 -14.46 -46.66 44.84
CA LEU E 28 -14.20 -45.57 45.76
C LEU E 28 -15.49 -45.04 46.35
N GLY E 29 -16.61 -45.60 45.92
CA GLY E 29 -17.90 -45.29 46.50
C GLY E 29 -18.57 -44.03 45.98
N LEU E 33 -25.40 -38.70 39.18
CA LEU E 33 -26.84 -38.62 38.95
C LEU E 33 -27.17 -37.46 38.00
N GLU E 34 -28.01 -37.73 37.00
CA GLU E 34 -28.40 -36.69 36.06
C GLU E 34 -29.91 -36.61 35.90
N ILE E 35 -30.44 -35.40 36.03
CA ILE E 35 -31.87 -35.16 35.91
C ILE E 35 -32.15 -34.05 34.91
N GLN E 36 -33.04 -34.31 33.95
CA GLN E 36 -33.46 -33.28 33.01
C GLN E 36 -34.44 -32.34 33.69
N GLY E 37 -33.90 -31.43 34.50
CA GLY E 37 -34.71 -30.50 35.25
C GLY E 37 -33.94 -29.89 36.40
N GLU E 38 -34.64 -29.15 37.25
CA GLU E 38 -34.01 -28.51 38.39
C GLU E 38 -34.46 -29.15 39.70
N LEU E 39 -33.50 -29.58 40.51
CA LEU E 39 -33.80 -30.17 41.80
C LEU E 39 -34.08 -29.08 42.82
N GLU E 40 -35.36 -28.88 43.13
CA GLU E 40 -35.76 -27.80 44.04
C GLU E 40 -35.64 -28.20 45.50
N LEU E 41 -34.63 -27.66 46.16
CA LEU E 41 -34.41 -27.87 47.58
C LEU E 41 -34.65 -26.56 48.33
N PRO E 42 -35.02 -26.64 49.62
CA PRO E 42 -35.22 -25.43 50.42
C PRO E 42 -33.97 -24.57 50.50
N LYS E 43 -34.15 -23.26 50.63
CA LYS E 43 -33.03 -22.33 50.70
C LYS E 43 -32.42 -22.27 52.10
N ASP E 44 -33.15 -22.78 53.08
CA ASP E 44 -32.69 -22.73 54.47
C ASP E 44 -32.82 -24.09 55.14
N PHE E 45 -31.76 -24.89 55.08
CA PHE E 45 -31.74 -26.20 55.72
C PHE E 45 -31.82 -26.08 57.24
N ALA E 46 -31.16 -25.05 57.78
CA ALA E 46 -31.04 -24.87 59.23
C ALA E 46 -32.40 -24.68 59.89
N SER E 47 -33.27 -23.90 59.24
CA SER E 47 -34.60 -23.62 59.79
C SER E 47 -35.47 -24.88 59.79
N LEU E 48 -35.41 -25.64 58.71
CA LEU E 48 -36.26 -26.82 58.56
C LEU E 48 -35.77 -28.02 59.36
N ALA E 49 -34.47 -28.03 59.65
CA ALA E 49 -33.88 -29.12 60.43
C ALA E 49 -34.38 -29.11 61.86
N ARG E 50 -34.77 -27.93 62.34
CA ARG E 50 -35.31 -27.81 63.69
C ARG E 50 -36.75 -28.30 63.77
N ARG E 51 -37.45 -28.24 62.64
CA ARG E 51 -38.83 -28.69 62.58
C ARG E 51 -38.92 -30.15 62.16
N ASP E 52 -37.76 -30.73 61.85
CA ASP E 52 -37.71 -32.12 61.40
C ASP E 52 -38.13 -33.08 62.49
N SER E 53 -39.11 -33.93 62.18
CA SER E 53 -39.57 -34.94 63.10
C SER E 53 -38.92 -36.29 62.78
N PRO E 54 -38.83 -37.18 63.79
CA PRO E 54 -38.28 -38.52 63.56
C PRO E 54 -39.02 -39.26 62.46
N ASN E 55 -40.32 -39.00 62.35
CA ASN E 55 -41.16 -39.62 61.32
C ASN E 55 -40.70 -39.25 59.91
N GLU E 56 -40.33 -37.99 59.73
CA GLU E 56 -39.91 -37.48 58.43
C GLU E 56 -38.49 -37.92 58.07
N GLY E 57 -37.57 -37.75 59.02
CA GLY E 57 -36.17 -38.08 58.81
C GLY E 57 -35.56 -37.41 57.60
N ARG E 58 -35.92 -36.16 57.37
CA ARG E 58 -35.50 -35.45 56.16
C ARG E 58 -34.17 -34.75 56.34
N PHE E 59 -33.75 -34.55 57.59
CA PHE E 59 -32.50 -33.87 57.86
C PHE E 59 -31.64 -34.65 58.86
N SER E 60 -30.33 -34.60 58.67
CA SER E 60 -29.40 -35.21 59.62
C SER E 60 -28.07 -34.46 59.63
N GLU E 61 -27.25 -34.71 60.64
CA GLU E 61 -25.93 -34.08 60.69
C GLU E 61 -24.83 -35.09 60.38
N GLN E 62 -24.01 -34.77 59.38
CA GLN E 62 -22.90 -35.62 58.99
C GLN E 62 -21.63 -34.79 58.85
N ASP E 63 -20.64 -35.09 59.69
CA ASP E 63 -19.34 -34.41 59.66
C ASP E 63 -19.49 -32.89 59.70
N GLY E 64 -20.37 -32.40 60.56
CA GLY E 64 -20.55 -30.97 60.72
C GLY E 64 -21.41 -30.30 59.65
N GLU E 65 -21.95 -31.10 58.74
CA GLU E 65 -22.80 -30.57 57.68
C GLU E 65 -24.24 -31.07 57.84
N THR E 66 -25.20 -30.17 57.70
CA THR E 66 -26.60 -30.56 57.76
C THR E 66 -27.08 -31.02 56.39
N LEU E 67 -27.27 -32.34 56.25
CA LEU E 67 -27.71 -32.94 55.00
C LEU E 67 -29.22 -33.12 54.96
N ILE E 68 -29.81 -32.87 53.79
CA ILE E 68 -31.21 -33.15 53.56
C ILE E 68 -31.36 -34.46 52.80
N ARG E 69 -32.29 -35.29 53.25
CA ARG E 69 -32.63 -36.51 52.54
C ARG E 69 -33.72 -36.19 51.54
N PHE E 70 -33.36 -36.06 50.27
CA PHE E 70 -34.30 -35.53 49.28
C PHE E 70 -34.95 -36.62 48.41
N GLY E 71 -34.44 -37.84 48.48
CA GLY E 71 -35.02 -38.90 47.68
C GLY E 71 -34.50 -40.31 47.86
N SER E 72 -34.97 -41.20 47.00
CA SER E 72 -34.56 -42.60 47.04
C SER E 72 -34.26 -43.10 45.63
N LEU E 73 -33.28 -43.97 45.51
CA LEU E 73 -32.91 -44.51 44.20
C LEU E 73 -32.99 -46.03 44.20
N GLN E 74 -33.64 -46.57 43.17
CA GLN E 74 -33.80 -48.02 43.05
C GLN E 74 -33.29 -48.49 41.69
N ILE E 75 -32.27 -49.33 41.71
CA ILE E 75 -31.66 -49.80 40.47
C ILE E 75 -32.06 -51.24 40.13
N ASP E 76 -32.74 -51.40 39.01
CA ASP E 76 -33.11 -52.71 38.49
C ASP E 76 -32.44 -52.94 37.14
N GLY E 77 -31.25 -53.53 37.16
CA GLY E 77 -30.49 -53.75 35.95
C GLY E 77 -30.11 -52.43 35.30
N GLU E 78 -30.57 -52.23 34.06
CA GLU E 78 -30.35 -50.97 33.36
C GLU E 78 -31.38 -49.94 33.79
N ARG E 79 -32.57 -50.43 34.19
CA ARG E 79 -33.65 -49.56 34.59
C ARG E 79 -33.39 -48.93 35.95
N ALA E 80 -33.87 -47.71 36.14
CA ALA E 80 -33.70 -47.03 37.41
C ALA E 80 -34.95 -46.22 37.75
N THR E 81 -35.26 -46.16 39.04
CA THR E 81 -36.40 -45.38 39.50
C THR E 81 -35.98 -44.44 40.61
N LEU E 82 -36.42 -43.19 40.50
CA LEU E 82 -36.05 -42.16 41.44
C LEU E 82 -37.27 -41.57 42.13
N PHE E 83 -37.32 -41.66 43.46
CA PHE E 83 -38.37 -41.00 44.20
C PHE E 83 -37.85 -39.68 44.71
N VAL E 84 -38.58 -38.60 44.43
CA VAL E 84 -38.18 -37.27 44.89
C VAL E 84 -39.26 -36.67 45.79
N GLY E 85 -38.82 -36.22 46.96
CA GLY E 85 -39.71 -35.66 47.95
C GLY E 85 -40.69 -36.72 48.42
N LYS E 86 -41.94 -36.30 48.62
CA LYS E 86 -42.98 -37.21 49.05
C LYS E 86 -43.91 -37.52 47.88
N LYS E 87 -43.81 -36.75 46.81
CA LYS E 87 -44.83 -36.77 45.78
C LYS E 87 -44.34 -37.01 44.35
N GLN E 88 -43.05 -37.26 44.15
CA GLN E 88 -42.57 -37.44 42.78
C GLN E 88 -41.90 -38.77 42.51
N ARG E 89 -42.16 -39.31 41.34
CA ARG E 89 -41.51 -40.53 40.86
C ARG E 89 -41.05 -40.36 39.41
N LEU E 90 -39.77 -40.61 39.17
CA LEU E 90 -39.16 -40.43 37.86
C LEU E 90 -38.56 -41.74 37.36
N LEU E 91 -38.84 -42.08 36.11
CA LEU E 91 -38.28 -43.29 35.51
C LEU E 91 -37.07 -42.93 34.64
N GLY E 92 -35.97 -43.65 34.83
CA GLY E 92 -34.77 -43.39 34.06
C GLY E 92 -33.93 -44.64 33.87
N LYS E 93 -32.68 -44.45 33.45
CA LYS E 93 -31.84 -45.61 33.14
C LYS E 93 -30.39 -45.44 33.59
N VAL E 94 -29.74 -46.57 33.79
CA VAL E 94 -28.29 -46.59 33.98
C VAL E 94 -27.62 -46.72 32.63
N THR E 95 -26.89 -45.69 32.22
CA THR E 95 -26.23 -45.70 30.92
C THR E 95 -24.72 -45.60 31.07
N LYS E 96 -24.02 -46.37 30.24
CA LYS E 96 -22.57 -46.35 30.20
C LYS E 96 -22.10 -45.15 29.41
N LEU E 97 -21.21 -44.36 30.01
CA LEU E 97 -20.67 -43.17 29.36
C LEU E 97 -19.82 -43.55 28.16
N ASP E 98 -20.10 -42.92 27.02
CA ASP E 98 -19.26 -43.10 25.83
C ASP E 98 -17.85 -42.61 26.13
N VAL E 99 -17.76 -41.44 26.76
CA VAL E 99 -16.50 -40.90 27.21
C VAL E 99 -16.48 -40.84 28.74
N PRO E 100 -15.66 -41.69 29.37
CA PRO E 100 -15.53 -41.70 30.83
C PRO E 100 -15.12 -40.34 31.37
N GLY E 102 -13.47 -37.91 34.28
CA GLY E 102 -12.58 -37.82 35.42
C GLY E 102 -13.03 -36.74 36.38
N ILE E 103 -13.22 -37.10 37.64
CA ILE E 103 -13.52 -36.12 38.67
C ILE E 103 -12.23 -35.65 39.30
N HIS E 105 -10.17 -32.59 41.76
CA HIS E 105 -10.29 -31.53 42.75
C HIS E 105 -9.21 -30.48 42.54
N PHE E 106 -9.65 -29.26 42.24
CA PHE E 106 -8.72 -28.17 42.00
C PHE E 106 -8.49 -27.35 43.26
N ASN E 107 -7.36 -27.61 43.92
CA ASN E 107 -6.99 -26.89 45.13
C ASN E 107 -6.44 -25.51 44.79
N SER E 108 -7.29 -24.48 44.92
CA SER E 108 -6.91 -23.14 44.54
C SER E 108 -5.76 -22.62 45.38
N LYS E 109 -5.74 -22.99 46.66
CA LYS E 109 -4.70 -22.53 47.58
C LYS E 109 -3.28 -22.81 47.08
N ASP E 110 -3.01 -24.07 46.74
CA ASP E 110 -1.68 -24.47 46.29
C ASP E 110 -1.61 -24.67 44.79
N ASN E 111 -2.70 -24.38 44.09
CA ASN E 111 -2.82 -24.63 42.65
C ASN E 111 -2.45 -26.06 42.28
N LYS E 112 -2.96 -27.01 43.05
CA LYS E 112 -2.70 -28.42 42.81
C LYS E 112 -3.97 -29.16 42.38
N VAL E 113 -3.81 -30.13 41.48
CA VAL E 113 -4.93 -30.93 41.01
C VAL E 113 -4.79 -32.38 41.47
N GLU E 114 -5.87 -32.92 42.00
CA GLU E 114 -5.88 -34.30 42.47
C GLU E 114 -7.02 -35.06 41.80
N LEU E 115 -6.72 -36.23 41.26
CA LEU E 115 -7.74 -37.09 40.70
C LEU E 115 -8.60 -37.69 41.81
N VAL E 116 -9.90 -37.42 41.76
CA VAL E 116 -10.82 -37.93 42.77
C VAL E 116 -11.34 -39.31 42.40
N ASP E 117 -11.91 -39.42 41.20
CA ASP E 117 -12.44 -40.69 40.72
C ASP E 117 -12.66 -40.67 39.21
N VAL E 118 -12.95 -41.83 38.65
CA VAL E 118 -13.26 -41.96 37.23
C VAL E 118 -14.67 -42.51 37.03
N LYS E 120 -17.60 -44.02 34.84
CA LYS E 120 -17.83 -44.77 33.61
C LYS E 120 -19.32 -44.95 33.34
N TYR E 121 -20.14 -44.73 34.35
CA TYR E 121 -21.59 -44.88 34.22
C TYR E 121 -22.31 -43.68 34.81
N LYS E 122 -23.56 -43.50 34.42
CA LYS E 122 -24.39 -42.49 35.06
C LYS E 122 -25.84 -42.95 35.11
N VAL E 123 -26.56 -42.51 36.14
CA VAL E 123 -27.98 -42.79 36.28
C VAL E 123 -28.76 -41.55 35.85
N ILE E 124 -29.39 -41.62 34.69
CA ILE E 124 -30.01 -40.44 34.10
C ILE E 124 -31.54 -40.54 34.07
N PHE E 125 -32.20 -39.41 34.30
CA PHE E 125 -33.65 -39.31 34.28
C PHE E 125 -34.06 -38.14 33.39
N LYS E 126 -34.49 -38.43 32.18
CA LYS E 126 -34.81 -37.39 31.21
C LYS E 126 -36.31 -37.23 30.95
N ASP E 127 -37.13 -38.03 31.64
CA ASP E 127 -38.56 -38.01 31.39
C ASP E 127 -39.34 -37.35 32.53
N ARG E 128 -40.50 -36.82 32.19
CA ARG E 128 -41.35 -36.07 33.12
C ARG E 128 -41.73 -36.89 34.34
N PRO E 129 -41.62 -36.29 35.53
CA PRO E 129 -41.95 -36.93 36.81
C PRO E 129 -43.39 -37.44 36.87
N LEU E 130 -43.59 -38.57 37.54
CA LEU E 130 -44.91 -39.16 37.65
C LEU E 130 -45.40 -39.11 39.11
N PRO E 131 -46.71 -39.29 39.32
CA PRO E 131 -47.24 -39.52 40.67
C PRO E 131 -46.60 -40.74 41.31
N ILE E 132 -46.65 -40.82 42.63
CA ILE E 132 -45.97 -41.90 43.37
C ILE E 132 -46.55 -43.28 43.07
N THR F 1 -43.97 -27.92 56.89
CA THR F 1 -43.79 -29.01 55.93
C THR F 1 -42.65 -28.70 54.96
N VAL F 2 -41.76 -29.66 54.79
CA VAL F 2 -40.63 -29.50 53.88
C VAL F 2 -41.05 -29.80 52.45
N LYS F 3 -40.57 -28.99 51.51
CA LYS F 3 -40.96 -29.14 50.11
C LYS F 3 -39.78 -29.51 49.22
N ILE F 4 -39.80 -30.74 48.72
CA ILE F 4 -38.73 -31.26 47.85
C ILE F 4 -39.33 -31.79 46.56
N TRP F 5 -38.88 -31.27 45.42
CA TRP F 5 -39.40 -31.72 44.14
C TRP F 5 -38.49 -31.37 42.97
N VAL F 6 -38.83 -31.89 41.80
CA VAL F 6 -38.10 -31.60 40.58
C VAL F 6 -38.92 -30.76 39.61
N LYS F 7 -38.39 -29.60 39.23
CA LYS F 7 -38.98 -28.80 38.18
C LYS F 7 -38.46 -29.32 36.85
N TYR F 8 -39.31 -30.05 36.13
CA TYR F 8 -38.91 -30.71 34.90
C TYR F 8 -38.57 -29.74 33.78
N ASN F 9 -37.39 -29.92 33.18
CA ASN F 9 -37.06 -29.20 31.96
C ASN F 9 -37.58 -29.98 30.76
N GLU F 10 -38.33 -29.29 29.90
CA GLU F 10 -38.97 -29.93 28.75
C GLU F 10 -37.98 -30.60 27.82
N GLY F 11 -36.80 -30.01 27.70
CA GLY F 11 -35.77 -30.56 26.84
C GLY F 11 -34.37 -30.40 27.41
N PHE F 12 -33.38 -30.54 26.55
CA PHE F 12 -31.98 -30.45 26.94
C PHE F 12 -31.23 -29.51 26.00
N SER F 13 -30.43 -28.62 26.59
CA SER F 13 -29.66 -27.67 25.80
C SER F 13 -28.17 -27.76 26.12
N ASN F 14 -27.35 -27.76 25.08
CA ASN F 14 -25.91 -27.64 25.25
C ASN F 14 -25.43 -26.30 24.69
N ALA F 15 -24.78 -25.52 25.54
CA ALA F 15 -24.24 -24.23 25.12
C ALA F 15 -23.03 -24.41 24.22
N VAL F 16 -22.62 -23.34 23.56
CA VAL F 16 -21.44 -23.37 22.71
C VAL F 16 -20.21 -23.66 23.58
N ARG F 17 -19.31 -24.51 23.08
CA ARG F 17 -18.06 -24.78 23.78
C ARG F 17 -17.27 -23.49 23.96
N LYS F 18 -16.64 -23.33 25.12
CA LYS F 18 -15.86 -22.14 25.42
C LYS F 18 -14.42 -22.52 25.74
N ASN F 19 -13.50 -21.59 25.49
CA ASN F 19 -12.10 -21.79 25.86
C ASN F 19 -11.95 -21.81 27.38
N VAL F 20 -10.84 -22.37 27.85
CA VAL F 20 -10.61 -22.47 29.28
C VAL F 20 -9.32 -21.74 29.68
N THR F 21 -9.42 -20.90 30.70
CA THR F 21 -8.25 -20.21 31.23
C THR F 21 -7.82 -20.87 32.53
N TRP F 22 -6.67 -20.44 33.03
CA TRP F 22 -6.13 -20.99 34.27
C TRP F 22 -7.05 -20.69 35.44
N ASN F 23 -7.64 -19.50 35.45
CA ASN F 23 -8.55 -19.10 36.52
C ASN F 23 -9.87 -19.86 36.47
N ASN F 24 -10.23 -20.36 35.29
CA ASN F 24 -11.46 -21.14 35.14
C ASN F 24 -11.39 -22.44 35.92
N LEU F 25 -10.19 -23.01 36.00
CA LEU F 25 -10.00 -24.26 36.72
C LEU F 25 -9.87 -24.00 38.21
N TRP F 26 -9.03 -23.02 38.57
CA TRP F 26 -8.88 -22.62 39.96
C TRP F 26 -9.62 -21.33 40.23
N GLU F 27 -10.89 -21.44 40.62
CA GLU F 27 -11.70 -20.26 40.91
C GLU F 27 -11.57 -19.84 42.36
#